data_6KZP
#
_entry.id   6KZP
#
_cell.length_a   1.00
_cell.length_b   1.00
_cell.length_c   1.00
_cell.angle_alpha   90.00
_cell.angle_beta   90.00
_cell.angle_gamma   90.00
#
_symmetry.space_group_name_H-M   'P 1'
#
loop_
_entity.id
_entity.type
_entity.pdbx_description
1 polymer 'Voltage-dependent T-type calcium channel subunit alpha-1G,Voltage-dependent T-type calcium channel subunit alpha-1G'
2 non-polymer 'CALCIUM ION'
3 non-polymer 2-acetamido-2-deoxy-beta-D-glucopyranose
4 non-polymer ~{N}-[[1-[2-(~{tert}-butylamino)-2-oxidanylidene-ethyl]piperidin-4-yl]methyl]-3-chloranyl-5-fluoranyl-benzamide
5 non-polymer 1,2-Distearoyl-sn-glycerophosphoethanolamine
6 non-polymer 'CHOLESTEROL HEMISUCCINATE'
#
_entity_poly.entity_id   1
_entity_poly.type   'polypeptide(L)'
_entity_poly.pdbx_seq_one_letter_code
;MHHHHHHHHGDYKDDDDKGTDEEEDGAGAEESGQPRSFMRLNDLSGAGGRPGPGSAEKDPGSADSEAEGLPYPALAPVVF
FYLSQDSRPRSWCLRTVCNPWFERISMLVILLNCVTLGMFRPCEDIACDSQRCRILQAFDDFIFAFFAVEMVVKMVALGI
FGKKCYLGDTWNRLDFFIVIAGMLEYSLDLQNVSFSAVRTVRVLRPLRAINRVPSMRILVTLLLDTLPMLGNVLLLCFFV
FFIFGIVGVQLWAGLLRNRCFLPENFSLPLSVDLERYYQTENEDESPFICSQPRENGMRSCRSVPTLRGDGGGGPPCGLD
YEAYNSSSNTTCVNWNQYYTNCSAGEHNPFKGAINFDNIGYAWIAIFQVITLEGWVDIMYFVMDAHSFYNFIYFILLIIV
GSFFMINLCLVVIATQFSETKQRESQLMREQRVRFLSNASTLASFSEPGSCYEELLKYLVYILRKAARRLAQVSRAAGVR
VGLLSSPAPLGGQETQPSSSCSRSHRRLSVHHLVHHHHHHHHHYHLGACQSSCKISSPCLKADSGACGPDSCPYCARAGA
GEVELADREMPDSDSEAVYEFTQDAQHSDLRDPHSRRQRSLGPDAEPSSVLAFWRLICDTFRKIVDSKYFGRGIMIAILV
NTLSMGIEYHEQPEELTNALEISNIVFTSLFALEMLLKLLVYGPFGYIKNPYNIFDGVIVVISVWEIVGQQGGGLSVLRT
FRLMRVLKLVRFLPALQRQLVVLMKTMDNVATFCMLLMLFIFIFSILGMHLFGCKFASERDGDTLPDRKNFDSLLWAIVT
VFQILTQEDWNKVLYNGMASTSSWAALYFIALMTFGNYVLFNLLVAILVEGFQAEGDANKSESEPDFFSPSLDGDGDRKK
CLALVSLGEHPELRKSLLPPLIIHTAATPMSLPKSTSTGLGEALGPASRRTSSSGSAEPGAAHEMKSPPSARSSPHSPWS
AASSWTSRRSSRNSLGRAPSLKRRSPSGERRSLLSGEGQESQDEEESSEEERASPAGSDHRHRGSLEREAKSSFDLPDTL
QVPGLHRTASGRGSASEHQDCNGKSASGRLARALRPDDPPLDGDDADDEGNLSKGERVRAWIRARLPACCLERDSWSAYI
FPPQSRFRLLCHRIITHKMFDHVVLVIIFLNCITIAMERPKIDPHSAERIFLTLSNYIFTAVFLAEMTVKVVALGWCFGE
QAYLRSSWNVLDGLLVLISVIDILVSMVSDSGTKILGMLRVLRLLRTLRPLRVISRAQGLKLVVETLMSSLKPIGNIVVI
CCAFFIIFGILGVQLFKGKFFVCQGEDTRNITNKSDCAEASYRWVRHKYNFDNLGQALMSLFVLASKDGWVDIMYDGLDA
VGVDQQPIMNHNPWMLLYFISFLLIVAFFVLNMFVGVVVENFHKCRQHQEEEEARRREEKRLRRLEKKRRNLMLDDVIAS
GSSASAASEAQCKPYYSDYSRFRLLVHHLCTSHYLDLFITGVIGLNVVTMAMEHYQQPQILDEALKICNYIFTVIFVLES
VFKLVAFGFRRFFQDRWNQLDLAIVLLSIMGITLEEIEVNASLPINPTIIRIMRVLRIARVLKLLKMAVGMRALLDTVMQ
ALPQVGNLGLLFMLLFFIFAALGVELFGDLECDETHPCEGLGRHATFRNFGMAFLTLFRVSTGDNWNGIMKDTLRDCDQE
STCYNTVISPIYFVSFVLTAQFVLVNVVIAVLMKHLEESNKEAKEEAELEAELELEMKTLSPQPHSPLGSPFLWPGVEGP
DSPDSPKPGALHPAAHARSASHFSLEHPTMQPHPTELPGPDLLTVRKSGVSRTHSLPNDSYMCRHGSTAEGPLGHRGWGL
PKAQSGSVLSVHSQPADTSYILQLPKDAPHLLQPHSAPTWGTIPKLPPPGRSPLAQRPLRRQAAIRTDSLDVQGLGSRED
LLAEVSGPSPPLARAYSFWGQSSTQAQQHSRSHSKISKHMTPPAPCPGPEPNWGKGPPETRSSLELDTELSWISGDLLPP
GGQEEPPSPRDLKKCYSVEAQSCQRRPTSWLDEQRRHSIAVSCLDSGSQPHLGTDPSNLGGQPLGGPGSRPKKKLSPPSI
TIDPPESQGPRTPPSPGICLRRRAPSSDSKDPLASGPPDSMAASPSPKKDVLSLSGLSSDPADLDP
;
_entity_poly.pdbx_strand_id   A
#
# COMPACT_ATOMS: atom_id res chain seq x y z
N ASN A 99 3.54 40.06 30.52
CA ASN A 99 2.53 39.34 29.75
C ASN A 99 3.08 38.62 28.48
N PRO A 100 3.86 39.28 27.58
CA PRO A 100 4.32 38.51 26.40
C PRO A 100 5.47 37.56 26.72
N TRP A 101 6.16 37.79 27.83
CA TRP A 101 7.25 36.89 28.23
C TRP A 101 6.71 35.68 28.98
N PHE A 102 5.40 35.65 29.24
CA PHE A 102 4.78 34.52 29.92
C PHE A 102 4.44 33.40 28.96
N GLU A 103 4.15 33.76 27.71
CA GLU A 103 3.76 32.76 26.71
C GLU A 103 4.97 32.00 26.20
N ARG A 104 6.13 32.65 26.16
CA ARG A 104 7.33 31.99 25.66
C ARG A 104 8.01 31.20 26.77
N ILE A 105 7.82 31.58 28.02
CA ILE A 105 8.47 30.86 29.12
C ILE A 105 7.67 29.61 29.46
N SER A 106 6.41 29.55 29.05
CA SER A 106 5.64 28.33 29.23
C SER A 106 6.04 27.28 28.21
N MET A 107 6.47 27.73 27.02
CA MET A 107 6.87 26.79 25.98
C MET A 107 8.20 26.13 26.33
N LEU A 108 9.01 26.79 27.15
CA LEU A 108 10.32 26.24 27.49
C LEU A 108 10.19 25.09 28.49
N VAL A 109 9.12 25.10 29.28
CA VAL A 109 8.88 24.02 30.24
C VAL A 109 8.28 22.81 29.53
N ILE A 110 7.57 23.05 28.43
CA ILE A 110 7.01 21.95 27.64
C ILE A 110 8.12 21.24 26.87
N LEU A 111 9.13 21.98 26.42
CA LEU A 111 10.34 21.35 25.90
C LEU A 111 11.09 20.58 26.97
N LEU A 112 10.92 20.98 28.23
CA LEU A 112 11.57 20.23 29.31
C LEU A 112 10.72 19.03 29.69
N ASN A 113 9.44 19.03 29.34
CA ASN A 113 8.60 17.88 29.63
C ASN A 113 8.69 16.84 28.52
N CYS A 114 8.96 17.28 27.29
CA CYS A 114 9.14 16.32 26.21
C CYS A 114 10.47 15.59 26.34
N VAL A 115 11.49 16.27 26.88
CA VAL A 115 12.79 15.63 27.05
C VAL A 115 12.77 14.75 28.30
N THR A 116 11.76 14.91 29.15
CA THR A 116 11.62 14.05 30.32
C THR A 116 10.84 12.79 29.99
N LEU A 117 9.79 12.92 29.16
CA LEU A 117 9.03 11.76 28.73
C LEU A 117 9.81 10.91 27.75
N GLY A 118 10.75 11.51 27.02
CA GLY A 118 11.45 10.79 25.98
C GLY A 118 12.42 9.75 26.50
N MET A 119 13.16 10.10 27.55
CA MET A 119 14.16 9.20 28.12
C MET A 119 13.56 8.35 29.25
N PHE A 120 12.46 7.68 28.91
CA PHE A 120 11.69 6.92 29.88
C PHE A 120 12.35 5.60 30.24
N ARG A 121 12.97 4.94 29.25
CA ARG A 121 13.64 3.66 29.42
C ARG A 121 12.74 2.58 30.02
N PRO A 122 11.84 1.98 29.22
CA PRO A 122 10.78 1.14 29.79
C PRO A 122 11.25 -0.16 30.38
N CYS A 123 12.40 -0.67 29.96
CA CYS A 123 12.91 -1.92 30.50
C CYS A 123 13.38 -1.76 31.93
N GLU A 124 14.07 -0.66 32.21
CA GLU A 124 14.71 -0.45 33.51
C GLU A 124 13.88 0.41 34.45
N ASP A 125 12.78 0.97 33.97
CA ASP A 125 11.90 1.76 34.82
C ASP A 125 10.72 0.92 35.33
N ILE A 126 10.93 -0.37 35.53
CA ILE A 126 10.00 -1.13 36.37
C ILE A 126 10.25 -0.82 37.84
N ALA A 127 11.48 -0.47 38.18
CA ALA A 127 11.86 -0.11 39.54
C ALA A 127 12.42 1.31 39.56
N CYS A 128 12.22 2.00 40.69
CA CYS A 128 12.77 3.33 40.89
C CYS A 128 14.10 3.32 41.63
N ASP A 129 14.92 2.29 41.43
CA ASP A 129 16.14 2.16 42.21
C ASP A 129 17.30 2.90 41.57
N SER A 130 17.21 3.19 40.28
CA SER A 130 18.30 3.88 39.60
C SER A 130 18.31 5.36 39.95
N GLN A 131 19.51 5.94 40.00
CA GLN A 131 19.62 7.36 40.32
C GLN A 131 19.16 8.23 39.17
N ARG A 132 19.27 7.72 37.94
CA ARG A 132 18.77 8.44 36.78
C ARG A 132 17.25 8.50 36.77
N CYS A 133 16.60 7.43 37.24
CA CYS A 133 15.15 7.43 37.35
C CYS A 133 14.66 8.39 38.43
N ARG A 134 15.41 8.50 39.52
CA ARG A 134 14.94 9.29 40.66
C ARG A 134 15.07 10.79 40.39
N ILE A 135 16.09 11.20 39.65
CA ILE A 135 16.23 12.61 39.32
C ILE A 135 15.09 13.05 38.38
N LEU A 136 14.77 12.19 37.42
CA LEU A 136 13.71 12.44 36.45
C LEU A 136 12.35 12.57 37.13
N GLN A 137 12.13 11.77 38.16
CA GLN A 137 10.88 11.82 38.92
C GLN A 137 10.75 13.20 39.57
N ALA A 138 11.86 13.69 40.13
CA ALA A 138 11.88 15.00 40.75
C ALA A 138 11.59 16.08 39.71
N PHE A 139 12.16 15.92 38.52
CA PHE A 139 11.90 16.88 37.44
C PHE A 139 10.43 16.90 37.10
N ASP A 140 9.82 15.72 37.01
CA ASP A 140 8.40 15.63 36.69
C ASP A 140 7.57 16.30 37.78
N ASP A 141 7.95 16.10 39.03
CA ASP A 141 7.21 16.72 40.12
C ASP A 141 7.30 18.25 40.00
N PHE A 142 8.48 18.77 39.71
CA PHE A 142 8.62 20.20 39.55
C PHE A 142 7.80 20.70 38.37
N ILE A 143 7.81 19.94 37.28
CA ILE A 143 7.06 20.32 36.09
C ILE A 143 5.57 20.38 36.39
N PHE A 144 5.08 19.40 37.16
CA PHE A 144 3.67 19.38 37.50
C PHE A 144 3.32 20.60 38.34
N ALA A 145 4.21 20.96 39.24
CA ALA A 145 3.97 22.11 40.11
C ALA A 145 3.88 23.42 39.32
N PHE A 146 4.75 23.62 38.34
CA PHE A 146 4.70 24.85 37.56
C PHE A 146 3.39 24.96 36.81
N PHE A 147 2.96 23.87 36.20
CA PHE A 147 1.70 23.88 35.46
C PHE A 147 0.50 24.12 36.35
N ALA A 148 0.50 23.50 37.53
CA ALA A 148 -0.61 23.65 38.46
C ALA A 148 -0.75 25.10 38.90
N VAL A 149 0.39 25.74 39.17
CA VAL A 149 0.40 27.13 39.58
C VAL A 149 -0.11 28.02 38.46
N GLU A 150 0.33 27.73 37.23
CA GLU A 150 -0.08 28.48 36.05
C GLU A 150 -1.59 28.44 35.84
N MET A 151 -2.24 27.37 36.29
CA MET A 151 -3.69 27.32 36.13
C MET A 151 -4.38 28.20 37.17
N VAL A 152 -3.73 28.42 38.31
CA VAL A 152 -4.29 29.31 39.34
C VAL A 152 -4.21 30.77 38.89
N VAL A 153 -3.09 31.16 38.28
CA VAL A 153 -2.93 32.52 37.79
C VAL A 153 -3.88 32.79 36.61
N LYS A 154 -4.24 31.74 35.86
CA LYS A 154 -5.28 31.90 34.84
C LYS A 154 -6.68 31.91 35.45
N MET A 155 -6.81 31.48 36.71
CA MET A 155 -8.11 31.56 37.39
C MET A 155 -8.30 32.91 38.07
N VAL A 156 -7.36 33.84 37.85
CA VAL A 156 -7.58 35.23 38.21
C VAL A 156 -8.67 35.77 37.31
N ALA A 157 -8.49 35.61 36.00
CA ALA A 157 -9.52 35.98 35.03
C ALA A 157 -10.61 34.92 34.98
N GLY A 168 -13.21 27.97 30.93
CA GLY A 168 -12.59 28.39 29.68
C GLY A 168 -13.37 27.91 28.46
N ASP A 169 -12.82 28.14 27.27
CA ASP A 169 -13.55 27.79 26.05
C ASP A 169 -13.20 26.43 25.42
N THR A 170 -12.00 26.27 24.85
CA THR A 170 -11.60 24.97 24.32
C THR A 170 -10.26 24.49 24.85
N TRP A 171 -9.22 25.31 24.67
CA TRP A 171 -7.87 24.85 24.95
C TRP A 171 -7.50 24.93 26.41
N ASN A 172 -8.17 25.76 27.19
CA ASN A 172 -8.02 25.70 28.63
C ASN A 172 -8.71 24.48 29.22
N ARG A 173 -9.67 23.90 28.51
CA ARG A 173 -10.34 22.70 28.99
C ARG A 173 -9.48 21.46 28.79
N LEU A 174 -8.70 21.43 27.71
CA LEU A 174 -7.68 20.41 27.59
C LEU A 174 -6.60 20.63 28.64
N ASP A 175 -6.24 21.89 28.88
CA ASP A 175 -5.21 22.22 29.87
C ASP A 175 -5.68 21.95 31.28
N PHE A 176 -7.00 21.98 31.53
CA PHE A 176 -7.49 21.65 32.85
C PHE A 176 -7.62 20.15 33.05
N PHE A 177 -7.87 19.40 31.98
CA PHE A 177 -8.00 17.95 32.10
C PHE A 177 -6.67 17.29 32.46
N ILE A 178 -5.56 17.86 32.00
CA ILE A 178 -4.26 17.23 32.19
C ILE A 178 -3.82 17.37 33.65
N VAL A 179 -4.07 18.53 34.25
CA VAL A 179 -3.67 18.74 35.64
C VAL A 179 -4.57 17.98 36.61
N ILE A 180 -5.81 17.66 36.21
CA ILE A 180 -6.65 16.78 37.02
C ILE A 180 -6.15 15.35 36.94
N ALA A 181 -5.75 14.90 35.75
CA ALA A 181 -5.16 13.58 35.60
C ALA A 181 -3.79 13.51 36.26
N GLY A 182 -3.13 14.66 36.43
CA GLY A 182 -1.91 14.71 37.21
C GLY A 182 -2.17 14.56 38.70
N MET A 183 -3.19 15.26 39.22
CA MET A 183 -3.48 15.23 40.65
C MET A 183 -3.99 13.87 41.10
N LEU A 184 -4.62 13.14 40.18
CA LEU A 184 -5.10 11.79 40.51
C LEU A 184 -3.94 10.83 40.63
N GLU A 185 -2.82 11.14 39.97
CA GLU A 185 -1.64 10.29 40.06
C GLU A 185 -0.91 10.49 41.39
N TYR A 186 -0.78 11.74 41.83
CA TYR A 186 -0.10 12.01 43.10
C TYR A 186 -0.99 11.67 44.30
N SER A 187 -2.31 11.55 44.07
CA SER A 187 -3.20 11.14 45.15
C SER A 187 -3.04 9.66 45.45
N LEU A 188 -2.84 8.85 44.42
CA LEU A 188 -2.69 7.42 44.65
C LEU A 188 -1.26 7.05 45.01
N ASP A 189 -0.31 7.92 44.68
CA ASP A 189 1.10 7.62 44.94
C ASP A 189 1.43 7.76 46.43
N LEU A 190 0.60 8.50 47.17
CA LEU A 190 0.85 8.67 48.60
C LEU A 190 0.62 7.38 49.37
N GLN A 191 -0.47 6.67 49.09
CA GLN A 191 -0.90 5.53 49.87
C GLN A 191 -0.43 4.20 49.29
N ASN A 192 0.50 4.26 48.33
CA ASN A 192 1.39 3.19 47.89
C ASN A 192 0.71 2.00 47.21
N VAL A 193 -0.61 1.93 47.16
CA VAL A 193 -1.30 0.86 46.45
C VAL A 193 -2.05 1.47 45.27
N SER A 194 -1.76 0.95 44.08
CA SER A 194 -2.25 1.56 42.84
C SER A 194 -2.21 0.50 41.75
N PHE A 195 -2.74 0.88 40.59
CA PHE A 195 -2.53 0.13 39.36
C PHE A 195 -1.43 0.84 38.57
N SER A 196 -1.10 0.31 37.39
CA SER A 196 -0.17 0.97 36.49
C SER A 196 -0.85 1.30 35.17
N ALA A 197 -2.08 1.81 35.24
CA ALA A 197 -2.83 2.21 34.05
C ALA A 197 -2.96 3.71 33.91
N VAL A 198 -2.83 4.47 35.01
CA VAL A 198 -3.02 5.91 34.96
C VAL A 198 -1.71 6.63 34.70
N ARG A 199 -0.61 5.89 34.71
CA ARG A 199 0.65 6.48 34.34
C ARG A 199 0.57 6.85 32.85
N THR A 200 -0.07 5.99 32.05
CA THR A 200 -0.15 6.17 30.62
C THR A 200 -0.89 7.45 30.23
N VAL A 201 -1.62 8.08 31.16
CA VAL A 201 -2.38 9.27 30.84
C VAL A 201 -1.47 10.50 30.65
N ARG A 202 -0.24 10.47 31.18
CA ARG A 202 0.66 11.60 30.99
C ARG A 202 1.29 11.65 29.60
N VAL A 203 0.93 10.72 28.70
CA VAL A 203 1.22 10.84 27.28
C VAL A 203 0.60 12.12 26.70
N LEU A 204 -0.52 12.58 27.26
CA LEU A 204 -1.20 13.75 26.73
C LEU A 204 -0.59 15.08 27.17
N ARG A 205 0.59 15.07 27.80
CA ARG A 205 1.22 16.32 28.20
C ARG A 205 1.83 17.14 27.06
N PRO A 206 2.43 16.57 25.97
CA PRO A 206 2.83 17.44 24.86
C PRO A 206 1.69 18.06 24.04
N LEU A 207 0.45 17.74 24.39
CA LEU A 207 -0.69 18.34 23.70
C LEU A 207 -0.85 19.82 24.07
N ARG A 208 -0.20 20.25 25.14
CA ARG A 208 -0.28 21.64 25.56
C ARG A 208 0.33 22.58 24.52
N ALA A 209 1.40 22.13 23.88
CA ALA A 209 2.12 22.92 22.89
C ALA A 209 1.27 23.51 21.78
N ILE A 210 0.17 22.86 21.44
CA ILE A 210 -0.70 23.33 20.36
C ILE A 210 -1.28 24.73 20.63
N ASN A 211 -1.65 25.02 21.88
CA ASN A 211 -2.14 26.36 22.18
C ASN A 211 -0.99 27.37 22.23
N ARG A 212 0.20 26.93 22.62
CA ARG A 212 1.32 27.86 22.78
C ARG A 212 1.84 28.34 21.43
N VAL A 213 2.14 27.41 20.53
CA VAL A 213 2.65 27.73 19.19
C VAL A 213 1.50 28.31 18.39
N PRO A 214 1.57 29.59 17.97
CA PRO A 214 0.38 30.23 17.38
C PRO A 214 0.09 29.77 15.98
N SER A 215 1.05 29.13 15.31
CA SER A 215 0.80 28.65 13.96
C SER A 215 0.14 27.27 13.99
N MET A 216 0.42 26.47 15.03
CA MET A 216 -0.26 25.18 15.15
C MET A 216 -1.72 25.34 15.54
N ARG A 217 -2.03 26.37 16.33
CA ARG A 217 -3.39 26.54 16.83
C ARG A 217 -4.35 26.91 15.70
N ILE A 218 -3.86 27.66 14.73
CA ILE A 218 -4.70 28.06 13.61
C ILE A 218 -4.91 26.89 12.66
N LEU A 219 -3.91 26.01 12.55
CA LEU A 219 -4.04 24.87 11.65
C LEU A 219 -5.00 23.82 12.22
N VAL A 220 -4.94 23.57 13.52
CA VAL A 220 -5.75 22.51 14.10
C VAL A 220 -7.17 23.01 14.32
N THR A 221 -7.37 24.33 14.30
CA THR A 221 -8.73 24.87 14.27
C THR A 221 -9.39 24.59 12.93
N LEU A 222 -8.63 24.68 11.83
CA LEU A 222 -9.15 24.36 10.52
C LEU A 222 -9.33 22.85 10.35
N LEU A 223 -8.55 22.06 11.07
CA LEU A 223 -8.75 20.62 11.07
C LEU A 223 -10.00 20.24 11.85
N LEU A 224 -10.24 20.89 12.98
CA LEU A 224 -11.43 20.55 13.75
C LEU A 224 -12.68 21.19 13.16
N ASP A 225 -12.51 22.02 12.14
CA ASP A 225 -13.65 22.64 11.48
C ASP A 225 -14.11 21.81 10.29
N THR A 226 -13.23 20.94 9.76
CA THR A 226 -13.58 20.15 8.59
C THR A 226 -14.02 18.74 8.95
N LEU A 227 -13.64 18.24 10.12
CA LEU A 227 -14.10 16.93 10.56
C LEU A 227 -15.62 16.74 10.71
N PRO A 228 -16.44 17.75 11.03
CA PRO A 228 -17.89 17.51 10.96
C PRO A 228 -18.42 17.19 9.56
N MET A 229 -17.78 17.67 8.50
CA MET A 229 -18.22 17.28 7.16
C MET A 229 -17.72 15.89 6.78
N LEU A 230 -16.85 15.31 7.61
CA LEU A 230 -16.28 14.00 7.34
C LEU A 230 -17.11 12.88 7.95
N GLY A 231 -18.27 13.20 8.53
CA GLY A 231 -19.05 12.18 9.22
C GLY A 231 -19.89 11.35 8.27
N ASN A 232 -20.06 11.82 7.04
CA ASN A 232 -20.84 11.04 6.09
C ASN A 232 -20.03 9.90 5.50
N VAL A 233 -18.70 10.06 5.42
CA VAL A 233 -17.89 8.96 4.90
C VAL A 233 -17.59 7.96 6.02
N LEU A 234 -17.84 8.34 7.27
CA LEU A 234 -17.77 7.35 8.34
C LEU A 234 -19.10 6.64 8.50
N LEU A 235 -20.16 7.22 7.93
CA LEU A 235 -21.43 6.51 7.87
C LEU A 235 -21.41 5.45 6.77
N LEU A 236 -20.70 5.73 5.68
CA LEU A 236 -20.46 4.72 4.65
C LEU A 236 -19.48 3.67 5.14
N CYS A 237 -18.56 4.05 6.02
CA CYS A 237 -17.58 3.10 6.53
C CYS A 237 -18.22 2.10 7.47
N PHE A 238 -19.38 2.45 8.03
CA PHE A 238 -20.10 1.52 8.87
C PHE A 238 -20.82 0.46 8.03
N PHE A 239 -21.38 0.85 6.88
CA PHE A 239 -22.05 -0.12 6.01
C PHE A 239 -21.07 -1.16 5.48
N VAL A 240 -19.84 -0.75 5.18
CA VAL A 240 -18.85 -1.67 4.66
C VAL A 240 -18.39 -2.63 5.74
N PHE A 241 -18.15 -2.12 6.95
CA PHE A 241 -17.72 -2.97 8.06
C PHE A 241 -18.84 -3.87 8.55
N PHE A 242 -20.09 -3.45 8.41
CA PHE A 242 -21.18 -4.27 8.91
C PHE A 242 -21.61 -5.31 7.89
N ILE A 243 -21.69 -4.93 6.61
CA ILE A 243 -22.11 -5.89 5.60
C ILE A 243 -21.03 -6.94 5.37
N PHE A 244 -19.79 -6.52 5.16
CA PHE A 244 -18.72 -7.48 4.98
C PHE A 244 -18.29 -8.13 6.30
N GLY A 245 -18.76 -7.61 7.43
CA GLY A 245 -18.43 -8.21 8.71
C GLY A 245 -19.35 -9.34 9.07
N ILE A 246 -20.65 -9.16 8.87
CA ILE A 246 -21.62 -10.20 9.25
C ILE A 246 -21.53 -11.39 8.31
N VAL A 247 -21.32 -11.14 7.01
CA VAL A 247 -21.16 -12.21 6.03
C VAL A 247 -19.93 -13.05 6.34
N GLY A 248 -18.82 -12.41 6.69
CA GLY A 248 -17.62 -13.14 7.04
C GLY A 248 -17.75 -13.98 8.29
N VAL A 249 -18.58 -13.56 9.23
CA VAL A 249 -18.85 -14.39 10.40
C VAL A 249 -19.80 -15.52 10.04
N GLN A 250 -20.75 -15.28 9.13
CA GLN A 250 -21.64 -16.34 8.66
C GLN A 250 -20.88 -17.42 7.91
N LEU A 251 -19.91 -17.03 7.07
CA LEU A 251 -19.22 -18.02 6.26
C LEU A 251 -18.11 -18.72 7.06
N TRP A 252 -17.17 -17.96 7.61
CA TRP A 252 -15.89 -18.57 8.00
C TRP A 252 -15.67 -18.58 9.50
N ALA A 253 -16.69 -18.74 10.32
CA ALA A 253 -16.49 -18.81 11.77
C ALA A 253 -16.01 -20.21 12.12
N GLY A 254 -14.86 -20.30 12.77
CA GLY A 254 -14.33 -21.58 13.19
C GLY A 254 -13.63 -22.38 12.13
N LEU A 255 -13.46 -21.84 10.92
CA LEU A 255 -12.86 -22.59 9.83
C LEU A 255 -11.36 -22.37 9.71
N LEU A 256 -10.79 -21.49 10.51
CA LEU A 256 -9.35 -21.30 10.54
C LEU A 256 -8.72 -22.02 11.73
N ARG A 257 -9.53 -22.66 12.55
CA ARG A 257 -9.07 -23.50 13.65
C ARG A 257 -8.76 -24.92 13.23
N ASN A 258 -9.18 -25.35 12.04
CA ASN A 258 -9.17 -26.79 11.77
C ASN A 258 -7.84 -27.26 11.20
N ARG A 259 -7.42 -28.43 11.67
CA ARG A 259 -6.18 -29.08 11.26
C ARG A 259 -6.50 -30.53 10.93
N CYS A 260 -5.53 -31.27 10.42
CA CYS A 260 -5.71 -32.69 10.17
C CYS A 260 -5.30 -33.44 11.43
N PHE A 261 -6.25 -34.13 12.07
CA PHE A 261 -5.95 -34.79 13.33
C PHE A 261 -5.70 -36.27 13.12
N LEU A 262 -5.27 -36.93 14.19
CA LEU A 262 -5.32 -38.38 14.21
C LEU A 262 -6.77 -38.84 14.36
N PRO A 263 -7.07 -40.07 13.98
CA PRO A 263 -8.34 -40.67 14.39
C PRO A 263 -8.42 -40.83 15.91
N GLU A 264 -9.65 -40.82 16.42
CA GLU A 264 -9.86 -40.71 17.87
C GLU A 264 -9.45 -41.98 18.60
N ASN A 265 -9.68 -43.15 17.99
CA ASN A 265 -9.18 -44.40 18.54
C ASN A 265 -7.68 -44.62 18.37
N PHE A 266 -6.98 -43.78 17.61
CA PHE A 266 -5.59 -44.05 17.26
C PHE A 266 -4.71 -43.70 18.44
N SER A 267 -4.06 -44.70 19.01
CA SER A 267 -3.11 -44.51 20.09
C SER A 267 -1.72 -44.30 19.52
N LEU A 268 -1.00 -43.34 20.06
CA LEU A 268 0.32 -43.01 19.57
C LEU A 268 1.36 -43.47 20.58
N PRO A 269 2.52 -43.95 20.14
CA PRO A 269 3.55 -44.36 21.08
C PRO A 269 4.13 -43.19 21.85
N LEU A 270 4.72 -43.50 23.00
CA LEU A 270 5.06 -42.49 24.00
C LEU A 270 6.29 -41.66 23.66
N SER A 271 7.01 -41.99 22.58
CA SER A 271 8.35 -41.46 22.38
C SER A 271 8.53 -40.67 21.09
N VAL A 272 7.53 -40.59 20.22
CA VAL A 272 7.81 -40.01 18.91
C VAL A 272 7.78 -38.49 18.93
N ASP A 273 7.08 -37.90 19.92
CA ASP A 273 6.89 -36.45 20.08
C ASP A 273 6.29 -35.82 18.81
N LEU A 274 5.10 -36.28 18.47
CA LEU A 274 4.31 -35.65 17.42
C LEU A 274 3.07 -35.02 18.05
N GLU A 275 2.63 -33.91 17.46
CA GLU A 275 1.76 -32.98 18.17
C GLU A 275 0.29 -33.45 18.19
N ARG A 276 -0.02 -34.58 17.54
CA ARG A 276 -1.32 -35.21 17.29
C ARG A 276 -2.10 -34.48 16.17
N TYR A 277 -1.60 -33.35 15.69
CA TYR A 277 -2.02 -32.80 14.41
C TYR A 277 -0.78 -32.38 13.64
N TYR A 278 -0.96 -32.16 12.34
CA TYR A 278 0.18 -31.84 11.51
C TYR A 278 0.62 -30.40 11.74
N GLN A 279 1.74 -30.24 12.44
CA GLN A 279 2.43 -28.96 12.59
C GLN A 279 3.39 -28.77 11.43
N THR A 280 3.32 -27.60 10.81
CA THR A 280 4.26 -27.27 9.75
C THR A 280 5.58 -26.79 10.34
N GLU A 281 6.41 -26.19 9.49
CA GLU A 281 7.70 -25.69 9.97
C GLU A 281 7.53 -24.41 10.76
N ASN A 282 6.59 -23.56 10.35
CA ASN A 282 6.20 -22.36 11.08
C ASN A 282 4.69 -22.40 11.30
N GLU A 283 4.30 -22.93 12.46
CA GLU A 283 2.89 -23.24 12.71
C GLU A 283 2.05 -21.99 12.85
N ASP A 284 2.64 -20.90 13.33
CA ASP A 284 1.85 -19.69 13.55
C ASP A 284 1.66 -18.90 12.26
N GLU A 285 2.72 -18.78 11.46
CA GLU A 285 2.66 -17.90 10.29
C GLU A 285 1.91 -18.55 9.14
N SER A 286 2.00 -19.88 9.02
CA SER A 286 1.26 -20.62 8.01
C SER A 286 1.05 -22.03 8.51
N PRO A 287 -0.05 -22.29 9.19
CA PRO A 287 -0.40 -23.66 9.57
C PRO A 287 -1.02 -24.40 8.39
N PHE A 288 -1.19 -25.70 8.55
CA PHE A 288 -1.80 -26.53 7.52
C PHE A 288 -3.29 -26.60 7.80
N ILE A 289 -4.06 -25.79 7.08
CA ILE A 289 -5.49 -25.62 7.31
C ILE A 289 -6.25 -26.42 6.26
N CYS A 290 -6.92 -27.48 6.70
CA CYS A 290 -7.66 -28.39 5.82
C CYS A 290 -9.10 -27.94 5.65
N SER A 291 -9.80 -28.60 4.73
CA SER A 291 -11.23 -28.40 4.53
C SER A 291 -11.97 -29.63 5.04
N GLN A 292 -13.05 -29.40 5.79
CA GLN A 292 -13.91 -30.47 6.25
C GLN A 292 -14.66 -31.08 5.08
N PRO A 293 -15.23 -32.28 5.24
CA PRO A 293 -16.11 -32.84 4.20
C PRO A 293 -17.38 -32.04 3.94
N ARG A 294 -17.78 -31.14 4.84
CA ARG A 294 -18.91 -30.25 4.58
C ARG A 294 -18.60 -29.27 3.45
N GLU A 295 -17.41 -28.67 3.45
CA GLU A 295 -17.08 -27.58 2.53
C GLU A 295 -16.26 -28.09 1.36
N ASN A 296 -16.01 -27.19 0.39
CA ASN A 296 -15.19 -27.54 -0.76
C ASN A 296 -13.71 -27.38 -0.46
N GLY A 297 -13.26 -26.13 -0.38
CA GLY A 297 -11.89 -25.84 -0.02
C GLY A 297 -10.89 -26.11 -1.11
N MET A 298 -9.66 -25.68 -0.90
CA MET A 298 -8.59 -25.95 -1.85
C MET A 298 -7.53 -26.88 -1.27
N ARG A 299 -7.70 -27.30 -0.02
CA ARG A 299 -6.75 -28.19 0.62
C ARG A 299 -7.44 -29.35 1.33
N SER A 300 -6.93 -30.56 1.14
CA SER A 300 -7.50 -31.75 1.74
C SER A 300 -6.42 -32.52 2.49
N CYS A 301 -6.79 -33.34 3.47
CA CYS A 301 -5.74 -34.00 4.22
C CYS A 301 -4.96 -35.01 3.38
N ARG A 302 -5.29 -35.16 2.10
CA ARG A 302 -4.52 -36.02 1.21
C ARG A 302 -3.13 -35.46 0.94
N SER A 303 -2.99 -34.15 0.83
CA SER A 303 -1.72 -33.54 0.44
C SER A 303 -0.88 -33.15 1.65
N VAL A 304 -0.71 -34.07 2.58
CA VAL A 304 0.25 -33.94 3.67
C VAL A 304 1.51 -34.70 3.25
N PRO A 305 2.64 -34.01 3.24
CA PRO A 305 3.91 -34.60 2.83
C PRO A 305 4.35 -35.75 3.70
N THR A 306 5.12 -36.67 3.13
CA THR A 306 5.63 -37.79 3.88
C THR A 306 6.63 -37.27 4.90
N LEU A 307 6.61 -37.83 6.10
CA LEU A 307 7.51 -37.41 7.16
C LEU A 307 8.95 -37.71 6.75
N ARG A 308 9.86 -36.79 7.06
CA ARG A 308 11.27 -36.96 6.71
C ARG A 308 12.01 -37.79 7.75
N CYS A 332 12.03 -45.97 7.91
CA CYS A 332 11.41 -46.02 9.22
C CYS A 332 9.89 -45.89 9.13
N VAL A 333 9.28 -45.30 10.15
CA VAL A 333 7.84 -45.10 10.17
C VAL A 333 7.49 -43.63 10.11
N ASN A 334 6.65 -43.25 9.15
CA ASN A 334 6.25 -41.85 9.04
C ASN A 334 4.84 -41.72 9.56
N TRP A 335 4.63 -40.80 10.48
CA TRP A 335 3.32 -40.61 11.07
C TRP A 335 2.48 -39.57 10.36
N ASN A 336 2.98 -39.01 9.27
CA ASN A 336 2.21 -38.00 8.58
C ASN A 336 1.12 -38.57 7.68
N GLN A 337 1.16 -39.87 7.37
CA GLN A 337 0.08 -40.45 6.58
C GLN A 337 -1.16 -40.72 7.41
N TYR A 338 -1.04 -40.71 8.73
CA TYR A 338 -2.13 -41.02 9.62
C TYR A 338 -2.91 -39.80 10.05
N TYR A 339 -2.45 -38.60 9.73
CA TYR A 339 -3.25 -37.39 9.95
C TYR A 339 -4.28 -37.34 8.84
N THR A 340 -5.52 -37.72 9.16
CA THR A 340 -6.56 -37.83 8.15
C THR A 340 -7.89 -37.25 8.59
N ASN A 341 -8.04 -36.91 9.86
CA ASN A 341 -9.30 -36.43 10.42
C ASN A 341 -9.24 -34.91 10.47
N CYS A 342 -9.96 -34.25 9.57
CA CYS A 342 -9.97 -32.79 9.57
C CYS A 342 -10.98 -32.34 10.62
N SER A 343 -10.50 -31.65 11.65
CA SER A 343 -11.31 -31.28 12.80
C SER A 343 -10.79 -29.98 13.39
N ALA A 344 -11.70 -29.23 14.01
CA ALA A 344 -11.38 -27.90 14.53
C ALA A 344 -10.49 -28.00 15.75
N GLY A 345 -9.36 -27.31 15.71
CA GLY A 345 -8.41 -27.30 16.81
C GLY A 345 -8.67 -26.17 17.78
N GLU A 346 -7.62 -25.77 18.49
CA GLU A 346 -7.78 -24.83 19.59
C GLU A 346 -7.33 -23.41 19.29
N HIS A 347 -6.50 -23.20 18.28
CA HIS A 347 -5.97 -21.87 18.03
C HIS A 347 -5.90 -21.59 16.54
N ASN A 348 -6.16 -20.34 16.21
CA ASN A 348 -6.22 -19.65 14.93
C ASN A 348 -4.82 -19.19 14.51
N PRO A 349 -4.60 -18.90 13.23
CA PRO A 349 -3.24 -18.49 12.81
C PRO A 349 -2.87 -17.11 13.30
N PHE A 350 -1.57 -16.83 13.13
CA PHE A 350 -0.90 -15.59 13.54
C PHE A 350 -1.10 -15.30 15.02
N LYS A 351 -0.91 -16.35 15.84
CA LYS A 351 -1.04 -16.33 17.29
C LYS A 351 -2.44 -15.92 17.74
N GLY A 352 -3.44 -16.22 16.94
CA GLY A 352 -4.83 -16.02 17.32
C GLY A 352 -5.46 -14.74 16.86
N ALA A 353 -4.82 -13.98 15.99
CA ALA A 353 -5.28 -12.64 15.67
C ALA A 353 -6.09 -12.56 14.38
N ILE A 354 -6.05 -13.58 13.53
CA ILE A 354 -6.79 -13.59 12.27
C ILE A 354 -7.80 -14.71 12.36
N ASN A 355 -9.05 -14.37 12.64
CA ASN A 355 -10.15 -15.32 12.58
C ASN A 355 -11.45 -14.56 12.43
N PHE A 356 -12.53 -15.32 12.23
CA PHE A 356 -13.84 -14.77 11.98
C PHE A 356 -14.85 -15.27 13.00
N ASP A 357 -14.42 -15.50 14.23
CA ASP A 357 -15.31 -16.06 15.24
C ASP A 357 -16.23 -15.01 15.84
N ASN A 358 -15.86 -13.74 15.77
CA ASN A 358 -16.64 -12.67 16.37
C ASN A 358 -16.80 -11.56 15.35
N ILE A 359 -17.61 -10.56 15.70
CA ILE A 359 -17.62 -9.35 14.90
C ILE A 359 -16.47 -8.43 15.31
N GLY A 360 -15.83 -8.72 16.44
CA GLY A 360 -14.63 -7.98 16.81
C GLY A 360 -13.44 -8.38 15.95
N TYR A 361 -13.15 -9.67 15.89
CA TYR A 361 -12.03 -10.16 15.09
C TYR A 361 -12.27 -10.02 13.59
N ALA A 362 -13.52 -9.99 13.16
CA ALA A 362 -13.80 -9.79 11.75
C ALA A 362 -13.43 -8.39 11.30
N TRP A 363 -13.59 -7.39 12.18
CA TRP A 363 -13.23 -6.03 11.79
C TRP A 363 -11.72 -5.81 11.79
N ILE A 364 -10.95 -6.62 12.53
CA ILE A 364 -9.50 -6.53 12.45
C ILE A 364 -9.00 -7.14 11.15
N ALA A 365 -9.66 -8.18 10.66
CA ALA A 365 -9.29 -8.75 9.37
C ALA A 365 -9.69 -7.84 8.21
N ILE A 366 -10.85 -7.18 8.31
CA ILE A 366 -11.31 -6.31 7.23
C ILE A 366 -10.49 -5.02 7.18
N PHE A 367 -10.10 -4.49 8.34
CA PHE A 367 -9.27 -3.30 8.39
C PHE A 367 -7.88 -3.55 7.80
N GLN A 368 -7.40 -4.77 7.88
CA GLN A 368 -6.17 -5.18 7.22
C GLN A 368 -6.35 -5.38 5.72
N VAL A 369 -7.58 -5.63 5.26
CA VAL A 369 -7.85 -5.64 3.82
C VAL A 369 -8.01 -4.22 3.29
N ILE A 370 -8.54 -3.29 4.08
CA ILE A 370 -8.68 -1.90 3.66
C ILE A 370 -7.31 -1.24 3.46
N THR A 371 -6.35 -1.54 4.31
CA THR A 371 -5.03 -0.95 4.16
C THR A 371 -4.17 -1.65 3.12
N LEU A 372 -4.67 -2.73 2.56
CA LEU A 372 -3.99 -3.50 1.51
C LEU A 372 -2.67 -4.07 1.96
N GLU A 373 -2.53 -4.34 3.25
CA GLU A 373 -1.30 -4.93 3.73
C GLU A 373 -1.64 -6.27 4.28
N GLY A 374 -1.10 -7.31 3.65
CA GLY A 374 -1.34 -8.66 4.09
C GLY A 374 -2.71 -9.24 3.85
N TRP A 375 -3.53 -8.64 2.98
CA TRP A 375 -4.85 -9.20 2.73
C TRP A 375 -4.77 -10.52 2.00
N VAL A 376 -3.62 -10.80 1.41
CA VAL A 376 -3.42 -11.97 0.58
C VAL A 376 -3.24 -13.21 1.43
N ASP A 377 -2.61 -13.09 2.59
CA ASP A 377 -2.48 -14.24 3.48
C ASP A 377 -3.81 -14.58 4.12
N ILE A 378 -4.72 -13.61 4.24
CA ILE A 378 -6.04 -13.86 4.79
C ILE A 378 -6.91 -14.58 3.77
N MET A 379 -6.80 -14.20 2.49
CA MET A 379 -7.59 -14.84 1.44
C MET A 379 -7.12 -16.27 1.23
N TYR A 380 -5.83 -16.54 1.39
CA TYR A 380 -5.33 -17.86 1.10
C TYR A 380 -5.66 -18.85 2.20
N PHE A 381 -5.85 -18.37 3.43
CA PHE A 381 -6.41 -19.22 4.49
C PHE A 381 -7.83 -19.60 4.16
N VAL A 382 -8.60 -18.64 3.65
CA VAL A 382 -10.03 -18.84 3.38
C VAL A 382 -10.21 -19.71 2.14
N MET A 383 -9.32 -19.58 1.15
CA MET A 383 -9.37 -20.45 -0.03
C MET A 383 -9.09 -21.90 0.33
N ASP A 384 -8.16 -22.14 1.27
CA ASP A 384 -7.80 -23.50 1.64
C ASP A 384 -8.92 -24.20 2.40
N ALA A 385 -9.69 -23.45 3.17
CA ALA A 385 -10.61 -24.07 4.11
C ALA A 385 -12.07 -24.01 3.70
N HIS A 386 -12.47 -23.07 2.84
CA HIS A 386 -13.88 -22.96 2.55
C HIS A 386 -14.21 -23.26 1.09
N SER A 387 -13.66 -22.48 0.16
CA SER A 387 -13.83 -22.71 -1.27
C SER A 387 -12.86 -21.81 -2.01
N PHE A 388 -12.61 -22.15 -3.27
CA PHE A 388 -11.88 -21.26 -4.16
C PHE A 388 -12.62 -19.97 -4.45
N TYR A 389 -13.94 -19.99 -4.53
CA TYR A 389 -14.68 -18.84 -5.02
C TYR A 389 -14.84 -17.73 -4.02
N ASN A 390 -14.12 -17.83 -2.92
CA ASN A 390 -14.10 -16.81 -1.87
C ASN A 390 -13.36 -15.56 -2.31
N PHE A 391 -12.66 -15.63 -3.45
CA PHE A 391 -11.91 -14.52 -4.01
C PHE A 391 -12.80 -13.32 -4.39
N ILE A 392 -14.05 -13.59 -4.76
CA ILE A 392 -15.00 -12.55 -5.12
C ILE A 392 -15.26 -11.60 -3.96
N TYR A 393 -15.33 -12.14 -2.75
CA TYR A 393 -15.55 -11.33 -1.57
C TYR A 393 -14.42 -10.34 -1.40
N PHE A 394 -13.19 -10.82 -1.57
CA PHE A 394 -12.01 -9.98 -1.47
C PHE A 394 -11.84 -8.91 -2.54
N ILE A 395 -12.16 -9.24 -3.79
CA ILE A 395 -12.05 -8.26 -4.88
C ILE A 395 -13.01 -7.10 -4.64
N LEU A 396 -14.21 -7.42 -4.19
CA LEU A 396 -15.23 -6.43 -3.90
C LEU A 396 -14.90 -5.48 -2.77
N LEU A 397 -14.27 -6.00 -1.72
CA LEU A 397 -13.95 -5.21 -0.54
C LEU A 397 -12.78 -4.26 -0.82
N ILE A 398 -11.92 -4.61 -1.76
CA ILE A 398 -10.84 -3.71 -2.16
C ILE A 398 -11.35 -2.62 -3.08
N ILE A 399 -12.28 -2.94 -3.98
CA ILE A 399 -12.86 -1.93 -4.86
C ILE A 399 -13.72 -0.97 -4.07
N VAL A 400 -14.67 -1.48 -3.30
CA VAL A 400 -15.59 -0.62 -2.57
C VAL A 400 -14.90 0.03 -1.38
N GLY A 401 -14.26 -0.77 -0.54
CA GLY A 401 -13.69 -0.24 0.67
C GLY A 401 -12.30 0.35 0.56
N SER A 402 -11.36 -0.38 -0.02
CA SER A 402 -10.00 0.14 -0.08
C SER A 402 -9.81 1.19 -1.13
N PHE A 403 -10.73 1.36 -2.06
CA PHE A 403 -10.53 2.34 -3.11
C PHE A 403 -11.60 3.42 -3.15
N PHE A 404 -12.89 3.07 -3.20
CA PHE A 404 -13.92 4.09 -3.22
C PHE A 404 -14.39 4.50 -1.83
N MET A 405 -13.62 4.22 -0.80
CA MET A 405 -13.95 4.72 0.53
C MET A 405 -12.77 5.42 1.16
N ILE A 406 -11.55 4.93 0.93
CA ILE A 406 -10.36 5.60 1.42
C ILE A 406 -10.07 6.86 0.62
N ASN A 407 -10.18 6.78 -0.70
CA ASN A 407 -9.99 7.95 -1.53
C ASN A 407 -11.18 8.89 -1.49
N LEU A 408 -12.33 8.43 -1.01
CA LEU A 408 -13.46 9.32 -0.78
C LEU A 408 -13.20 10.19 0.44
N CYS A 409 -12.32 9.76 1.32
CA CYS A 409 -11.99 10.57 2.48
C CYS A 409 -11.02 11.68 2.11
N LEU A 410 -10.24 11.48 1.04
CA LEU A 410 -9.37 12.53 0.53
C LEU A 410 -10.16 13.64 -0.12
N VAL A 411 -11.22 13.29 -0.84
CA VAL A 411 -11.96 14.25 -1.65
C VAL A 411 -12.77 15.18 -0.77
N VAL A 412 -13.25 14.66 0.37
CA VAL A 412 -14.05 15.49 1.28
C VAL A 412 -13.17 16.51 2.00
N ILE A 413 -11.99 16.08 2.46
CA ILE A 413 -11.10 16.98 3.19
C ILE A 413 -10.49 18.02 2.24
N ALA A 414 -10.12 17.61 1.03
CA ALA A 414 -9.53 18.53 0.06
C ALA A 414 -10.53 19.52 -0.51
N THR A 415 -11.83 19.28 -0.34
CA THR A 415 -12.86 20.22 -0.73
C THR A 415 -13.24 21.15 0.41
N GLN A 416 -13.40 20.62 1.62
CA GLN A 416 -13.86 21.44 2.73
C GLN A 416 -12.78 22.36 3.25
N PHE A 417 -11.52 21.94 3.14
CA PHE A 417 -10.41 22.82 3.55
C PHE A 417 -10.29 24.00 2.59
N SER A 418 -10.57 23.78 1.31
CA SER A 418 -10.49 24.87 0.34
C SER A 418 -11.66 25.84 0.51
N GLU A 419 -12.74 25.38 1.14
CA GLU A 419 -13.89 26.26 1.35
C GLU A 419 -13.84 26.89 2.74
N THR A 420 -13.13 26.25 3.68
CA THR A 420 -13.01 26.81 5.03
C THR A 420 -12.10 28.03 5.05
N LYS A 421 -11.00 27.98 4.29
CA LYS A 421 -10.10 29.13 4.26
C LYS A 421 -10.68 30.25 3.41
N GLN A 422 -11.45 29.90 2.37
CA GLN A 422 -12.08 30.96 1.56
C GLN A 422 -13.28 31.57 2.27
N ARG A 423 -13.80 30.89 3.29
CA ARG A 423 -14.72 31.54 4.21
C ARG A 423 -13.99 32.60 5.01
N GLU A 424 -12.76 32.31 5.41
CA GLU A 424 -11.95 33.24 6.20
C GLU A 424 -11.42 34.38 5.33
N ILE A 624 33.47 37.61 -23.22
CA ILE A 624 33.79 36.54 -24.14
C ILE A 624 33.77 35.22 -23.37
N VAL A 625 33.72 35.31 -22.05
CA VAL A 625 33.53 34.12 -21.23
C VAL A 625 32.04 33.78 -21.15
N ASP A 626 31.18 34.73 -21.52
CA ASP A 626 29.75 34.49 -21.65
C ASP A 626 29.29 34.51 -23.11
N SER A 627 30.12 34.00 -24.02
CA SER A 627 29.80 34.03 -25.44
C SER A 627 28.95 32.86 -25.88
N LYS A 628 28.42 32.08 -24.92
CA LYS A 628 27.53 30.91 -24.98
C LYS A 628 28.23 29.68 -25.56
N TYR A 629 29.44 29.83 -26.07
CA TYR A 629 30.23 28.68 -26.48
C TYR A 629 31.10 28.19 -25.32
N PHE A 630 31.52 29.13 -24.46
CA PHE A 630 32.09 28.75 -23.17
C PHE A 630 31.02 28.31 -22.20
N GLY A 631 29.82 28.84 -22.34
CA GLY A 631 28.72 28.42 -21.48
C GLY A 631 28.17 27.05 -21.82
N ARG A 632 28.19 26.70 -23.11
CA ARG A 632 27.81 25.35 -23.52
C ARG A 632 28.96 24.38 -23.27
N GLY A 633 30.18 24.90 -23.17
CA GLY A 633 31.32 24.04 -22.92
C GLY A 633 31.35 23.49 -21.51
N ILE A 634 30.86 24.28 -20.54
CA ILE A 634 30.85 23.80 -19.17
C ILE A 634 29.62 22.92 -18.92
N MET A 635 28.56 23.09 -19.71
CA MET A 635 27.33 22.33 -19.49
C MET A 635 27.52 20.86 -19.84
N ILE A 636 28.36 20.55 -20.83
CA ILE A 636 28.71 19.15 -21.08
C ILE A 636 29.78 18.70 -20.10
N ALA A 637 30.59 19.62 -19.60
CA ALA A 637 31.71 19.25 -18.73
C ALA A 637 31.23 18.80 -17.36
N ILE A 638 30.07 19.31 -16.92
CA ILE A 638 29.51 18.85 -15.65
C ILE A 638 28.88 17.47 -15.84
N LEU A 639 28.16 17.29 -16.95
CA LEU A 639 27.30 16.13 -17.08
C LEU A 639 28.08 14.90 -17.50
N VAL A 640 29.21 15.10 -18.18
CA VAL A 640 30.12 13.99 -18.47
C VAL A 640 30.85 13.57 -17.19
N ASN A 641 31.21 14.54 -16.36
CA ASN A 641 31.88 14.20 -15.12
C ASN A 641 30.95 13.39 -14.22
N THR A 642 29.70 13.82 -14.12
CA THR A 642 28.68 13.15 -13.30
C THR A 642 28.32 11.75 -13.76
N LEU A 643 28.20 11.59 -15.07
CA LEU A 643 27.87 10.30 -15.67
C LEU A 643 28.97 9.27 -15.42
N SER A 644 30.22 9.72 -15.43
CA SER A 644 31.37 8.86 -15.19
C SER A 644 31.33 8.24 -13.80
N MET A 645 30.86 8.98 -12.81
CA MET A 645 30.75 8.49 -11.45
C MET A 645 29.82 7.29 -11.36
N GLY A 646 28.75 7.32 -12.15
CA GLY A 646 27.77 6.25 -12.13
C GLY A 646 28.27 4.82 -12.18
N ILE A 647 29.30 4.57 -12.96
CA ILE A 647 29.82 3.20 -13.06
C ILE A 647 30.81 2.84 -11.94
N GLU A 648 30.37 2.84 -10.70
CA GLU A 648 31.28 2.48 -9.61
C GLU A 648 31.69 1.03 -9.76
N TYR A 649 30.70 0.15 -9.95
CA TYR A 649 30.87 -1.29 -10.21
C TYR A 649 31.66 -2.19 -9.23
N HIS A 650 30.99 -2.93 -8.36
CA HIS A 650 31.72 -3.77 -7.41
C HIS A 650 32.58 -4.78 -8.16
N GLU A 651 33.75 -5.10 -7.61
CA GLU A 651 34.72 -6.05 -8.16
C GLU A 651 35.27 -5.69 -9.53
N GLN A 652 35.59 -4.41 -9.69
CA GLN A 652 36.17 -3.90 -10.92
C GLN A 652 37.64 -4.34 -11.09
N PRO A 653 38.14 -4.17 -12.31
CA PRO A 653 39.50 -4.59 -12.70
C PRO A 653 40.67 -3.97 -11.92
N GLU A 654 40.53 -2.70 -11.52
CA GLU A 654 41.45 -1.79 -10.78
C GLU A 654 42.24 -0.92 -11.75
N GLU A 655 42.25 -1.32 -13.01
CA GLU A 655 42.78 -0.48 -14.08
C GLU A 655 41.73 0.51 -14.52
N LEU A 656 40.47 0.21 -14.21
CA LEU A 656 39.37 1.16 -14.43
C LEU A 656 39.32 2.19 -13.32
N THR A 657 39.73 1.83 -12.10
CA THR A 657 39.73 2.78 -11.00
C THR A 657 40.82 3.83 -11.18
N ASN A 658 41.98 3.40 -11.71
CA ASN A 658 43.06 4.33 -12.02
C ASN A 658 42.65 5.27 -13.16
N ALA A 659 41.86 4.77 -14.11
CA ALA A 659 41.37 5.63 -15.18
C ALA A 659 40.32 6.60 -14.68
N LEU A 660 39.60 6.19 -13.64
CA LEU A 660 38.61 7.06 -13.00
C LEU A 660 39.23 8.22 -12.23
N GLU A 661 40.35 7.97 -11.56
CA GLU A 661 41.00 8.98 -10.74
C GLU A 661 41.76 9.98 -11.61
N ILE A 662 42.29 9.53 -12.74
CA ILE A 662 42.90 10.46 -13.70
C ILE A 662 41.83 11.36 -14.30
N SER A 663 40.63 10.82 -14.49
CA SER A 663 39.50 11.62 -14.96
C SER A 663 39.08 12.66 -13.93
N ASN A 664 39.37 12.43 -12.65
CA ASN A 664 39.12 13.45 -11.65
C ASN A 664 40.11 14.61 -11.79
N ILE A 665 41.34 14.31 -12.20
CA ILE A 665 42.35 15.36 -12.30
C ILE A 665 42.04 16.28 -13.48
N VAL A 666 41.50 15.72 -14.56
CA VAL A 666 41.27 16.49 -15.77
C VAL A 666 40.11 17.45 -15.60
N PHE A 667 39.02 17.01 -14.97
CA PHE A 667 37.87 17.89 -14.81
C PHE A 667 38.11 18.93 -13.71
N THR A 668 38.76 18.54 -12.60
CA THR A 668 38.93 19.48 -11.49
C THR A 668 39.90 20.59 -11.86
N SER A 669 40.89 20.29 -12.71
CA SER A 669 41.77 21.33 -13.24
C SER A 669 41.01 22.28 -14.16
N LEU A 670 39.93 21.79 -14.79
CA LEU A 670 39.17 22.61 -15.73
C LEU A 670 38.32 23.64 -14.98
N PHE A 671 37.75 23.27 -13.84
CA PHE A 671 36.91 24.22 -13.12
C PHE A 671 37.74 25.09 -12.19
N ALA A 672 39.00 24.71 -11.96
CA ALA A 672 39.96 25.68 -11.46
C ALA A 672 40.29 26.70 -12.55
N LEU A 673 40.34 26.25 -13.80
CA LEU A 673 40.64 27.15 -14.91
C LEU A 673 39.45 28.05 -15.21
N GLU A 674 38.22 27.55 -15.02
CA GLU A 674 37.04 28.38 -15.22
C GLU A 674 36.96 29.48 -14.17
N MET A 675 37.37 29.17 -12.94
CA MET A 675 37.41 30.18 -11.89
C MET A 675 38.50 31.22 -12.18
N LEU A 676 39.62 30.77 -12.76
CA LEU A 676 40.73 31.66 -13.01
C LEU A 676 40.41 32.64 -14.15
N LEU A 677 39.56 32.25 -15.09
CA LEU A 677 39.18 33.17 -16.15
C LEU A 677 38.14 34.18 -15.65
N LYS A 678 37.16 33.71 -14.88
CA LYS A 678 36.13 34.60 -14.37
C LYS A 678 36.63 35.50 -13.25
N LEU A 679 37.78 35.21 -12.65
CA LEU A 679 38.35 36.08 -11.64
C LEU A 679 39.16 37.20 -12.28
N LEU A 680 39.64 36.99 -13.50
CA LEU A 680 40.49 37.97 -14.17
C LEU A 680 39.70 38.88 -15.11
N VAL A 681 38.87 38.30 -15.99
CA VAL A 681 38.10 39.12 -16.92
C VAL A 681 37.03 39.90 -16.19
N TYR A 682 36.23 39.22 -15.38
CA TYR A 682 35.32 39.92 -14.49
C TYR A 682 36.04 40.28 -13.20
N GLY A 683 35.54 41.31 -12.53
CA GLY A 683 36.14 41.76 -11.30
C GLY A 683 35.74 40.88 -10.14
N PRO A 684 36.65 40.69 -9.17
CA PRO A 684 36.30 39.97 -7.95
C PRO A 684 35.30 40.71 -7.07
N PHE A 685 35.12 42.00 -7.27
CA PHE A 685 34.00 42.71 -6.65
C PHE A 685 32.67 42.25 -7.23
N GLY A 686 32.66 41.80 -8.49
CA GLY A 686 31.47 41.30 -9.14
C GLY A 686 31.41 39.78 -9.16
N TYR A 687 32.50 39.13 -8.76
CA TYR A 687 32.52 37.68 -8.72
C TYR A 687 31.80 37.15 -7.49
N ILE A 688 32.00 37.79 -6.34
CA ILE A 688 31.20 37.46 -5.16
C ILE A 688 29.80 38.04 -5.29
N LYS A 689 29.63 39.08 -6.11
CA LYS A 689 28.31 39.68 -6.29
C LYS A 689 27.37 38.77 -7.07
N ASN A 690 27.91 37.84 -7.85
CA ASN A 690 27.10 36.80 -8.47
C ASN A 690 26.89 35.67 -7.45
N PRO A 691 25.66 35.36 -7.07
CA PRO A 691 25.46 34.31 -6.04
C PRO A 691 25.69 32.90 -6.52
N TYR A 692 25.70 32.65 -7.83
CA TYR A 692 26.02 31.31 -8.31
C TYR A 692 27.52 31.05 -8.31
N ASN A 693 28.31 32.09 -8.53
CA ASN A 693 29.77 31.95 -8.59
C ASN A 693 30.42 31.48 -7.29
N ILE A 694 29.94 31.97 -6.16
CA ILE A 694 30.53 31.56 -4.88
C ILE A 694 30.37 30.06 -4.64
N PHE A 695 29.22 29.50 -5.02
CA PHE A 695 29.00 28.07 -4.82
C PHE A 695 30.02 27.28 -5.63
N ASP A 696 30.25 27.71 -6.87
CA ASP A 696 31.23 27.06 -7.74
C ASP A 696 32.62 27.17 -7.15
N GLY A 697 32.92 28.33 -6.60
CA GLY A 697 34.22 28.56 -5.99
C GLY A 697 34.44 27.61 -4.83
N VAL A 698 33.43 27.39 -4.01
CA VAL A 698 33.59 26.46 -2.90
C VAL A 698 33.89 25.06 -3.42
N ILE A 699 33.18 24.67 -4.47
CA ILE A 699 33.32 23.37 -5.11
C ILE A 699 34.76 23.15 -5.57
N VAL A 700 35.44 24.22 -5.98
CA VAL A 700 36.84 24.08 -6.39
C VAL A 700 37.74 23.87 -5.18
N VAL A 701 37.50 24.62 -4.09
CA VAL A 701 38.43 24.59 -2.96
C VAL A 701 38.27 23.29 -2.16
N ILE A 702 37.11 22.65 -2.30
CA ILE A 702 36.87 21.40 -1.62
C ILE A 702 37.49 20.29 -2.46
N SER A 703 37.11 20.27 -3.75
CA SER A 703 37.61 19.27 -4.66
C SER A 703 39.12 19.35 -4.88
N VAL A 704 39.65 20.55 -5.09
CA VAL A 704 41.08 20.68 -5.29
C VAL A 704 41.83 20.27 -4.02
N TRP A 705 41.30 20.67 -2.87
CA TRP A 705 41.95 20.31 -1.64
C TRP A 705 41.99 18.81 -1.49
N GLU A 706 40.87 18.14 -1.78
CA GLU A 706 40.87 16.68 -1.63
C GLU A 706 41.84 16.03 -2.60
N ILE A 707 41.91 16.53 -3.83
CA ILE A 707 42.82 15.95 -4.82
C ILE A 707 44.29 16.14 -4.40
N VAL A 708 44.61 17.27 -3.78
CA VAL A 708 45.98 17.52 -3.35
C VAL A 708 46.17 17.18 -1.87
N SER A 716 36.35 7.72 1.31
CA SER A 716 36.44 8.76 2.32
C SER A 716 35.21 9.69 2.29
N VAL A 717 35.27 10.76 3.06
CA VAL A 717 34.14 11.67 3.15
C VAL A 717 34.23 12.73 2.05
N LEU A 718 35.43 12.96 1.53
CA LEU A 718 35.58 13.94 0.46
C LEU A 718 35.30 13.32 -0.89
N ARG A 719 35.60 12.03 -1.05
CA ARG A 719 35.33 11.36 -2.31
C ARG A 719 33.84 11.18 -2.52
N THR A 720 33.07 11.19 -1.43
CA THR A 720 31.61 11.18 -1.53
C THR A 720 31.07 12.55 -1.93
N PHE A 721 31.81 13.63 -1.67
CA PHE A 721 31.34 14.97 -1.99
C PHE A 721 31.42 15.30 -3.49
N ARG A 722 31.80 14.36 -4.35
CA ARG A 722 31.82 14.62 -5.78
C ARG A 722 30.42 14.61 -6.36
N LEU A 723 29.43 14.15 -5.61
CA LEU A 723 28.05 14.13 -6.08
C LEU A 723 27.44 15.52 -6.05
N MET A 724 28.00 16.40 -5.22
CA MET A 724 27.46 17.75 -5.11
C MET A 724 27.72 18.61 -6.34
N ARG A 725 28.63 18.15 -7.21
CA ARG A 725 28.93 18.92 -8.40
C ARG A 725 27.82 18.83 -9.44
N VAL A 726 26.78 18.02 -9.17
CA VAL A 726 25.66 17.87 -10.09
C VAL A 726 24.76 19.10 -9.98
N LEU A 727 24.93 19.90 -8.93
CA LEU A 727 24.10 21.09 -8.73
C LEU A 727 24.57 22.27 -9.55
N LYS A 728 25.61 22.09 -10.37
CA LYS A 728 26.09 23.17 -11.23
C LYS A 728 25.35 23.20 -12.55
N LEU A 729 24.34 22.35 -12.74
CA LEU A 729 23.50 22.46 -13.93
C LEU A 729 22.51 23.61 -13.82
N VAL A 730 22.35 24.21 -12.64
CA VAL A 730 21.22 25.09 -12.38
C VAL A 730 21.41 26.44 -13.07
N ARG A 731 22.67 26.89 -13.18
CA ARG A 731 22.93 28.15 -13.86
C ARG A 731 22.65 28.05 -15.37
N PHE A 732 22.76 26.84 -15.92
CA PHE A 732 22.77 26.72 -17.38
C PHE A 732 21.39 26.45 -17.94
N LEU A 733 20.35 26.46 -17.10
CA LEU A 733 18.99 26.27 -17.57
C LEU A 733 17.97 26.97 -16.68
N PRO A 734 17.07 27.77 -17.24
CA PRO A 734 16.17 28.56 -16.39
C PRO A 734 14.89 27.85 -16.00
N ALA A 735 14.53 26.75 -16.68
CA ALA A 735 13.23 26.13 -16.44
C ALA A 735 13.20 25.41 -15.09
N LEU A 736 14.30 24.77 -14.70
CA LEU A 736 14.33 24.16 -13.37
C LEU A 736 14.76 25.17 -12.32
N GLN A 737 15.20 26.36 -12.73
CA GLN A 737 15.39 27.44 -11.78
C GLN A 737 14.05 27.95 -11.27
N ARG A 738 13.05 28.01 -12.15
CA ARG A 738 11.74 28.45 -11.71
C ARG A 738 11.00 27.35 -10.99
N GLN A 739 11.36 26.10 -11.26
CA GLN A 739 10.68 24.99 -10.59
C GLN A 739 11.25 24.78 -9.19
N LEU A 740 12.57 24.91 -9.04
CA LEU A 740 13.17 24.74 -7.72
C LEU A 740 12.90 25.94 -6.82
N VAL A 741 12.49 27.07 -7.38
CA VAL A 741 12.06 28.17 -6.54
C VAL A 741 10.68 27.91 -5.96
N VAL A 742 9.74 27.48 -6.79
CA VAL A 742 8.36 27.28 -6.34
C VAL A 742 8.27 26.06 -5.43
N LEU A 743 9.15 25.08 -5.64
CA LEU A 743 9.16 23.89 -4.80
C LEU A 743 9.68 24.19 -3.40
N MET A 744 10.44 25.28 -3.25
CA MET A 744 10.91 25.67 -1.92
C MET A 744 9.98 26.71 -1.28
N LYS A 745 9.13 27.33 -2.09
CA LYS A 745 8.02 28.09 -1.55
C LYS A 745 7.03 27.18 -0.84
N THR A 746 6.91 25.93 -1.31
CA THR A 746 6.07 24.94 -0.67
C THR A 746 6.55 24.59 0.73
N MET A 747 7.87 24.44 0.91
CA MET A 747 8.41 24.06 2.22
C MET A 747 8.29 25.20 3.24
N ASP A 748 7.99 26.41 2.77
CA ASP A 748 7.59 27.48 3.67
C ASP A 748 6.15 27.28 4.13
N ASN A 749 5.33 26.66 3.29
CA ASN A 749 3.91 26.52 3.61
C ASN A 749 3.62 25.27 4.44
N VAL A 750 4.44 24.24 4.32
CA VAL A 750 4.21 22.99 5.03
C VAL A 750 5.08 22.86 6.26
N ALA A 751 5.73 23.94 6.70
CA ALA A 751 6.59 23.86 7.87
C ALA A 751 5.79 23.73 9.16
N THR A 752 4.63 24.37 9.21
CA THR A 752 3.74 24.21 10.35
C THR A 752 2.99 22.89 10.32
N PHE A 753 2.89 22.23 9.17
CA PHE A 753 2.38 20.87 9.15
C PHE A 753 3.39 19.89 9.73
N CYS A 754 4.66 20.02 9.33
CA CYS A 754 5.69 19.07 9.73
C CYS A 754 6.02 19.18 11.21
N MET A 755 5.69 20.29 11.86
CA MET A 755 5.83 20.36 13.31
C MET A 755 4.67 19.64 13.98
N LEU A 756 3.47 19.76 13.43
CA LEU A 756 2.32 19.05 13.99
C LEU A 756 2.37 17.56 13.65
N LEU A 757 3.14 17.19 12.64
CA LEU A 757 3.34 15.79 12.30
C LEU A 757 4.37 15.13 13.21
N MET A 758 5.42 15.85 13.62
CA MET A 758 6.37 15.28 14.56
C MET A 758 5.87 15.32 15.99
N LEU A 759 4.81 16.07 16.27
CA LEU A 759 4.12 15.94 17.55
C LEU A 759 3.28 14.69 17.58
N PHE A 760 2.73 14.31 16.43
CA PHE A 760 1.88 13.13 16.33
C PHE A 760 2.70 11.84 16.46
N ILE A 761 3.86 11.79 15.82
CA ILE A 761 4.72 10.61 15.87
C ILE A 761 5.31 10.43 17.26
N PHE A 762 5.62 11.54 17.94
CA PHE A 762 6.24 11.47 19.26
C PHE A 762 5.25 11.02 20.33
N ILE A 763 4.00 11.49 20.26
CA ILE A 763 3.01 11.16 21.27
C ILE A 763 2.60 9.68 21.16
N PHE A 764 2.49 9.16 19.93
CA PHE A 764 2.26 7.72 19.78
C PHE A 764 3.48 6.87 20.10
N SER A 765 4.69 7.44 20.04
CA SER A 765 5.86 6.67 20.40
C SER A 765 6.02 6.52 21.90
N ILE A 766 5.67 7.57 22.67
CA ILE A 766 5.63 7.45 24.13
C ILE A 766 4.58 6.43 24.55
N LEU A 767 3.42 6.48 23.92
CA LEU A 767 2.33 5.55 24.21
C LEU A 767 2.72 4.11 23.90
N GLY A 768 3.50 3.89 22.84
CA GLY A 768 3.94 2.54 22.54
C GLY A 768 4.95 2.02 23.53
N MET A 769 5.75 2.91 24.13
CA MET A 769 6.71 2.48 25.14
C MET A 769 6.03 2.07 26.43
N HIS A 770 4.92 2.73 26.79
CA HIS A 770 4.24 2.37 28.02
C HIS A 770 3.36 1.15 27.83
N LEU A 771 2.64 1.06 26.70
CA LEU A 771 1.74 -0.07 26.49
C LEU A 771 2.50 -1.34 26.20
N PHE A 772 3.46 -1.29 25.28
CA PHE A 772 4.11 -2.51 24.82
C PHE A 772 5.44 -2.73 25.50
N GLY A 773 6.37 -1.79 25.40
CA GLY A 773 7.61 -1.80 26.14
C GLY A 773 8.47 -3.03 25.89
N CYS A 774 8.76 -3.76 26.95
CA CYS A 774 9.68 -4.90 26.91
C CYS A 774 8.95 -6.24 26.81
N LYS A 775 7.77 -6.27 26.20
CA LYS A 775 6.92 -7.45 26.25
C LYS A 775 6.87 -8.23 24.95
N PHE A 776 7.69 -7.90 23.97
CA PHE A 776 7.67 -8.62 22.69
C PHE A 776 8.51 -9.90 22.81
N ALA A 777 8.92 -10.46 21.66
CA ALA A 777 9.52 -11.79 21.58
C ALA A 777 10.76 -11.95 22.46
N SER A 778 11.46 -10.85 22.75
CA SER A 778 12.47 -10.74 23.82
C SER A 778 13.67 -11.69 23.71
N LEU A 785 16.81 -13.88 21.00
CA LEU A 785 17.07 -12.49 20.65
C LEU A 785 15.74 -11.75 20.40
N PRO A 786 15.62 -10.52 20.93
CA PRO A 786 14.40 -9.74 20.70
C PRO A 786 14.27 -9.30 19.25
N ASP A 787 13.02 -9.08 18.84
CA ASP A 787 12.73 -8.77 17.45
C ASP A 787 13.12 -7.33 17.12
N ARG A 788 13.17 -7.06 15.81
CA ARG A 788 13.65 -5.77 15.33
C ARG A 788 12.64 -4.66 15.58
N LYS A 789 11.36 -4.99 15.62
CA LYS A 789 10.30 -4.00 15.72
C LYS A 789 9.76 -3.92 17.15
N ASN A 790 10.62 -3.51 18.06
CA ASN A 790 10.26 -3.37 19.46
C ASN A 790 9.90 -1.92 19.79
N PHE A 791 9.26 -1.74 20.95
CA PHE A 791 9.00 -0.42 21.49
C PHE A 791 9.87 -0.09 22.68
N ASP A 792 10.93 -0.85 22.91
CA ASP A 792 12.01 -0.43 23.77
C ASP A 792 12.71 0.77 23.14
N SER A 793 13.33 1.61 23.98
CA SER A 793 14.43 2.47 23.55
C SER A 793 14.08 3.47 22.46
N LEU A 794 13.44 4.59 22.81
CA LEU A 794 12.67 5.53 21.97
C LEU A 794 13.03 5.65 20.50
N LEU A 795 14.33 5.56 20.16
CA LEU A 795 14.75 5.57 18.77
C LEU A 795 14.13 4.43 17.96
N TRP A 796 14.04 3.24 18.53
CA TRP A 796 13.37 2.16 17.84
C TRP A 796 11.87 2.17 18.07
N ALA A 797 11.38 3.10 18.88
CA ALA A 797 9.97 3.37 18.97
C ALA A 797 9.51 4.41 17.98
N ILE A 798 10.39 5.35 17.59
CA ILE A 798 10.02 6.34 16.59
C ILE A 798 10.05 5.74 15.20
N VAL A 799 11.03 4.87 14.93
CA VAL A 799 11.14 4.21 13.63
C VAL A 799 9.97 3.26 13.42
N THR A 800 9.53 2.59 14.49
CA THR A 800 8.40 1.67 14.38
C THR A 800 7.11 2.40 14.07
N VAL A 801 6.87 3.55 14.71
CA VAL A 801 5.65 4.32 14.44
C VAL A 801 5.71 4.93 13.04
N PHE A 802 6.89 5.34 12.61
CA PHE A 802 7.03 5.84 11.25
C PHE A 802 6.77 4.70 10.26
N GLN A 803 7.28 3.52 10.59
CA GLN A 803 7.13 2.34 9.75
C GLN A 803 5.68 1.89 9.60
N ILE A 804 4.93 1.95 10.69
CA ILE A 804 3.52 1.60 10.70
C ILE A 804 2.72 2.56 9.83
N LEU A 805 3.10 3.84 9.87
CA LEU A 805 2.49 4.91 9.09
C LEU A 805 2.66 4.75 7.57
N THR A 806 3.75 4.10 7.18
CA THR A 806 4.09 3.79 5.79
C THR A 806 3.36 2.50 5.29
N GLN A 807 2.58 1.85 6.17
CA GLN A 807 1.77 0.64 5.88
C GLN A 807 2.57 -0.51 5.33
N GLU A 808 3.58 -0.94 6.08
CA GLU A 808 4.51 -1.95 5.61
C GLU A 808 4.93 -2.82 6.78
N ASP A 809 4.52 -4.09 6.72
CA ASP A 809 4.69 -5.07 7.79
C ASP A 809 4.11 -4.57 9.12
N TRP A 810 3.02 -3.81 9.03
CA TRP A 810 2.41 -3.30 10.25
C TRP A 810 1.53 -4.33 10.90
N ASN A 811 1.03 -5.30 10.12
CA ASN A 811 0.30 -6.40 10.71
C ASN A 811 1.21 -7.25 11.59
N LYS A 812 2.49 -7.33 11.25
CA LYS A 812 3.45 -8.06 12.07
C LYS A 812 3.62 -7.41 13.43
N VAL A 813 3.51 -6.08 13.51
CA VAL A 813 3.60 -5.38 14.78
C VAL A 813 2.29 -5.51 15.54
N LEU A 814 1.16 -5.52 14.83
CA LEU A 814 -0.15 -5.74 15.43
C LEU A 814 -0.24 -7.11 16.11
N TYR A 815 0.29 -8.15 15.47
CA TYR A 815 0.09 -9.51 15.96
C TYR A 815 0.96 -9.77 17.19
N ASN A 816 2.08 -9.06 17.30
CA ASN A 816 2.86 -9.11 18.53
C ASN A 816 2.09 -8.49 19.68
N GLY A 817 1.56 -7.27 19.48
CA GLY A 817 0.93 -6.56 20.57
C GLY A 817 -0.41 -7.12 20.98
N MET A 818 -1.16 -7.71 20.05
CA MET A 818 -2.39 -8.39 20.42
C MET A 818 -2.12 -9.66 21.21
N ALA A 819 -1.00 -10.32 20.94
CA ALA A 819 -0.67 -11.58 21.60
C ALA A 819 0.12 -11.39 22.87
N SER A 820 0.50 -10.16 23.19
CA SER A 820 1.33 -9.92 24.36
C SER A 820 0.67 -9.07 25.42
N THR A 821 -0.36 -8.31 25.09
CA THR A 821 -1.14 -7.60 26.10
C THR A 821 -2.58 -8.12 26.17
N SER A 822 -3.35 -7.96 25.10
CA SER A 822 -4.74 -8.32 24.95
C SER A 822 -5.13 -8.01 23.52
N SER A 823 -6.24 -8.58 23.07
CA SER A 823 -6.71 -8.32 21.73
C SER A 823 -7.34 -6.95 21.58
N TRP A 824 -7.52 -6.21 22.67
CA TRP A 824 -7.98 -4.83 22.62
C TRP A 824 -6.86 -3.85 22.30
N ALA A 825 -5.64 -4.33 22.10
CA ALA A 825 -4.54 -3.47 21.69
C ALA A 825 -4.54 -3.19 20.21
N ALA A 826 -5.55 -3.64 19.48
CA ALA A 826 -5.69 -3.26 18.08
C ALA A 826 -6.13 -1.81 17.94
N LEU A 827 -6.78 -1.24 18.96
CA LEU A 827 -7.25 0.13 18.91
C LEU A 827 -6.11 1.13 18.87
N TYR A 828 -4.92 0.75 19.34
CA TYR A 828 -3.74 1.58 19.14
C TYR A 828 -3.41 1.73 17.66
N PHE A 829 -3.36 0.61 16.94
CA PHE A 829 -2.96 0.59 15.55
C PHE A 829 -4.06 1.11 14.63
N ILE A 830 -5.31 1.07 15.07
CA ILE A 830 -6.39 1.69 14.30
C ILE A 830 -6.38 3.19 14.51
N ALA A 831 -6.14 3.65 15.74
CA ALA A 831 -6.07 5.08 16.00
C ALA A 831 -4.84 5.70 15.37
N LEU A 832 -3.72 4.99 15.37
CA LEU A 832 -2.50 5.50 14.75
C LEU A 832 -2.66 5.66 13.25
N MET A 833 -3.30 4.71 12.60
CA MET A 833 -3.38 4.70 11.15
C MET A 833 -4.61 5.41 10.59
N THR A 834 -5.72 5.47 11.32
CA THR A 834 -6.82 6.30 10.83
C THR A 834 -6.51 7.78 11.04
N PHE A 835 -5.96 8.14 12.19
CA PHE A 835 -5.69 9.55 12.43
C PHE A 835 -4.42 10.02 11.73
N GLY A 836 -3.59 9.14 11.23
CA GLY A 836 -2.35 9.55 10.63
C GLY A 836 -2.40 9.57 9.13
N ASN A 837 -2.94 8.51 8.54
CA ASN A 837 -3.01 8.40 7.09
C ASN A 837 -4.28 8.97 6.52
N TYR A 838 -5.38 8.91 7.25
CA TYR A 838 -6.68 9.15 6.65
C TYR A 838 -7.29 10.49 7.01
N VAL A 839 -6.75 11.20 7.99
CA VAL A 839 -7.09 12.62 8.18
C VAL A 839 -5.86 13.50 8.09
N LEU A 840 -4.71 13.04 8.56
CA LEU A 840 -3.55 13.92 8.69
C LEU A 840 -2.72 13.96 7.42
N PHE A 841 -2.70 12.89 6.62
CA PHE A 841 -2.06 12.97 5.31
C PHE A 841 -2.91 13.76 4.33
N ASN A 842 -4.22 13.58 4.36
CA ASN A 842 -5.10 14.28 3.44
C ASN A 842 -5.20 15.76 3.76
N LEU A 843 -4.85 16.16 4.98
CA LEU A 843 -4.69 17.57 5.28
C LEU A 843 -3.54 18.17 4.51
N LEU A 844 -2.45 17.42 4.35
CA LEU A 844 -1.27 17.91 3.65
C LEU A 844 -1.55 18.06 2.15
N VAL A 845 -2.40 17.19 1.60
CA VAL A 845 -2.84 17.37 0.23
C VAL A 845 -3.72 18.61 0.13
N ALA A 846 -4.51 18.88 1.16
CA ALA A 846 -5.40 20.03 1.14
C ALA A 846 -4.63 21.34 1.25
N ILE A 847 -3.50 21.33 1.97
CA ILE A 847 -2.63 22.50 2.07
C ILE A 847 -1.98 22.80 0.74
N LEU A 848 -1.54 21.75 0.04
CA LEU A 848 -0.88 21.91 -1.25
C LEU A 848 -1.84 22.41 -2.33
N VAL A 849 -3.10 21.94 -2.29
CA VAL A 849 -4.07 22.31 -3.30
C VAL A 849 -4.45 23.78 -3.19
N GLU A 850 -4.67 24.25 -1.96
CA GLU A 850 -5.00 25.65 -1.78
C GLU A 850 -3.78 26.54 -1.97
N GLY A 851 -2.58 25.98 -1.81
CA GLY A 851 -1.38 26.78 -1.97
C GLY A 851 -1.11 27.16 -3.41
N PHE A 852 -1.32 26.23 -4.35
CA PHE A 852 -1.10 26.54 -5.75
C PHE A 852 -2.20 27.42 -6.34
N GLN A 853 -3.38 27.44 -5.74
CA GLN A 853 -4.45 28.35 -6.18
C GLN A 853 -5.19 28.93 -4.98
N PHE A 1127 -14.32 1.21 -57.44
CA PHE A 1127 -13.24 0.54 -56.70
C PHE A 1127 -12.76 1.42 -55.57
N ARG A 1128 -11.89 2.38 -55.88
CA ARG A 1128 -11.31 3.25 -54.87
C ARG A 1128 -12.36 4.19 -54.29
N LEU A 1129 -13.34 4.58 -55.10
CA LEU A 1129 -14.41 5.44 -54.59
C LEU A 1129 -15.36 4.66 -53.68
N LEU A 1130 -15.66 3.41 -54.03
CA LEU A 1130 -16.54 2.60 -53.19
C LEU A 1130 -15.79 2.09 -51.97
N CYS A 1131 -14.46 2.03 -52.03
CA CYS A 1131 -13.68 1.59 -50.89
C CYS A 1131 -13.68 2.63 -49.78
N HIS A 1132 -13.82 3.90 -50.15
CA HIS A 1132 -13.89 4.97 -49.16
C HIS A 1132 -15.30 5.07 -48.57
N ARG A 1133 -16.27 4.37 -49.17
CA ARG A 1133 -17.64 4.44 -48.68
C ARG A 1133 -17.83 3.60 -47.42
N ILE A 1134 -17.17 2.43 -47.36
CA ILE A 1134 -17.37 1.52 -46.24
C ILE A 1134 -16.55 1.96 -45.02
N ILE A 1135 -15.54 2.81 -45.24
CA ILE A 1135 -14.75 3.35 -44.14
C ILE A 1135 -15.60 4.37 -43.41
N THR A 1136 -16.43 5.08 -44.16
CA THR A 1136 -17.39 6.03 -43.62
C THR A 1136 -18.48 5.32 -42.81
N HIS A 1137 -18.77 4.06 -43.15
CA HIS A 1137 -19.88 3.32 -42.56
C HIS A 1137 -19.61 3.04 -41.09
N LYS A 1138 -20.63 3.25 -40.26
CA LYS A 1138 -20.45 3.19 -38.81
C LYS A 1138 -20.20 1.77 -38.34
N MET A 1139 -20.76 0.78 -39.04
CA MET A 1139 -20.71 -0.58 -38.55
C MET A 1139 -19.36 -1.23 -38.84
N PHE A 1140 -18.57 -0.62 -39.72
CA PHE A 1140 -17.23 -1.11 -39.99
C PHE A 1140 -16.31 -0.89 -38.81
N ASP A 1141 -16.54 0.17 -38.04
CA ASP A 1141 -15.75 0.38 -36.84
C ASP A 1141 -16.21 -0.56 -35.73
N HIS A 1142 -17.42 -1.13 -35.86
CA HIS A 1142 -17.94 -2.00 -34.82
C HIS A 1142 -17.72 -3.46 -35.13
N VAL A 1143 -17.72 -3.83 -36.42
CA VAL A 1143 -17.60 -5.24 -36.76
C VAL A 1143 -16.17 -5.71 -36.58
N VAL A 1144 -15.20 -4.79 -36.70
CA VAL A 1144 -13.81 -5.18 -36.50
C VAL A 1144 -13.50 -5.24 -35.01
N LEU A 1145 -14.33 -4.60 -34.19
CA LEU A 1145 -14.10 -4.66 -32.74
C LEU A 1145 -14.59 -5.99 -32.18
N VAL A 1146 -15.51 -6.64 -32.87
CA VAL A 1146 -15.89 -8.00 -32.50
C VAL A 1146 -14.77 -8.97 -32.85
N ILE A 1147 -14.09 -8.73 -33.98
CA ILE A 1147 -12.97 -9.56 -34.42
C ILE A 1147 -11.78 -9.37 -33.48
N ILE A 1148 -11.63 -8.18 -32.91
CA ILE A 1148 -10.60 -7.98 -31.89
C ILE A 1148 -10.97 -8.74 -30.62
N PHE A 1149 -12.24 -8.72 -30.24
CA PHE A 1149 -12.65 -9.46 -29.04
C PHE A 1149 -12.64 -10.97 -29.27
N LEU A 1150 -12.85 -11.40 -30.51
CA LEU A 1150 -12.67 -12.83 -30.81
C LEU A 1150 -11.21 -13.23 -30.79
N ASN A 1151 -10.31 -12.26 -31.01
CA ASN A 1151 -8.89 -12.57 -30.96
C ASN A 1151 -8.38 -12.55 -29.53
N CYS A 1152 -9.08 -11.85 -28.63
CA CYS A 1152 -8.67 -11.82 -27.23
C CYS A 1152 -8.96 -13.15 -26.55
N ILE A 1153 -9.93 -13.91 -27.07
CA ILE A 1153 -10.23 -15.22 -26.49
C ILE A 1153 -9.11 -16.20 -26.81
N THR A 1154 -8.51 -16.08 -27.98
CA THR A 1154 -7.44 -16.98 -28.36
C THR A 1154 -6.06 -16.49 -27.94
N ILE A 1155 -5.98 -15.42 -27.16
CA ILE A 1155 -4.75 -15.08 -26.45
C ILE A 1155 -4.80 -15.63 -25.04
N ALA A 1156 -5.96 -15.54 -24.39
CA ALA A 1156 -6.20 -16.12 -23.08
C ALA A 1156 -6.10 -17.63 -23.07
N MET A 1157 -6.35 -18.28 -24.19
CA MET A 1157 -6.38 -19.73 -24.27
C MET A 1157 -4.99 -20.33 -24.37
N GLU A 1158 -3.97 -19.52 -24.66
CA GLU A 1158 -2.60 -19.97 -24.75
C GLU A 1158 -2.03 -20.25 -23.35
N ARG A 1159 -1.33 -21.36 -23.22
CA ARG A 1159 -0.72 -21.76 -21.95
C ARG A 1159 0.37 -22.78 -22.27
N PRO A 1160 1.35 -22.96 -21.38
CA PRO A 1160 2.48 -23.85 -21.72
C PRO A 1160 2.16 -25.33 -21.79
N LYS A 1161 1.10 -25.81 -21.14
CA LYS A 1161 0.88 -27.26 -21.09
C LYS A 1161 -0.13 -27.75 -22.11
N ILE A 1162 -0.14 -27.17 -23.31
CA ILE A 1162 -0.95 -27.68 -24.41
C ILE A 1162 -0.09 -28.67 -25.18
N ASP A 1163 -0.68 -29.81 -25.56
CA ASP A 1163 0.04 -30.78 -26.36
C ASP A 1163 0.31 -30.21 -27.74
N PRO A 1164 1.50 -30.44 -28.32
CA PRO A 1164 1.81 -29.83 -29.63
C PRO A 1164 1.08 -30.50 -30.78
N HIS A 1165 0.61 -31.73 -30.59
CA HIS A 1165 -0.07 -32.50 -31.62
C HIS A 1165 -1.42 -32.90 -31.04
N SER A 1166 -2.39 -31.99 -31.13
CA SER A 1166 -3.62 -32.13 -30.34
C SER A 1166 -4.77 -31.47 -31.08
N ALA A 1167 -5.94 -31.49 -30.45
CA ALA A 1167 -7.13 -30.84 -30.99
C ALA A 1167 -7.22 -29.38 -30.61
N GLU A 1168 -6.42 -28.92 -29.67
CA GLU A 1168 -6.43 -27.52 -29.26
C GLU A 1168 -5.31 -26.73 -29.90
N ARG A 1169 -4.16 -27.36 -30.14
CA ARG A 1169 -3.06 -26.67 -30.82
C ARG A 1169 -3.41 -26.35 -32.27
N ILE A 1170 -4.13 -27.26 -32.96
CA ILE A 1170 -4.51 -26.96 -34.33
C ILE A 1170 -5.61 -25.91 -34.39
N PHE A 1171 -6.39 -25.75 -33.32
CA PHE A 1171 -7.32 -24.63 -33.31
C PHE A 1171 -6.58 -23.32 -33.06
N LEU A 1172 -5.53 -23.34 -32.25
CA LEU A 1172 -4.71 -22.15 -32.11
C LEU A 1172 -3.80 -21.93 -33.29
N THR A 1173 -3.50 -22.97 -34.07
CA THR A 1173 -2.66 -22.77 -35.24
C THR A 1173 -3.47 -22.22 -36.40
N LEU A 1174 -4.68 -22.76 -36.62
CA LEU A 1174 -5.47 -22.35 -37.79
C LEU A 1174 -6.16 -21.01 -37.57
N SER A 1175 -6.59 -20.71 -36.35
CA SER A 1175 -7.19 -19.41 -36.07
C SER A 1175 -6.15 -18.29 -36.07
N ASN A 1176 -4.87 -18.62 -35.98
CA ASN A 1176 -3.83 -17.63 -36.22
C ASN A 1176 -3.85 -17.16 -37.67
N TYR A 1177 -4.28 -18.04 -38.59
CA TYR A 1177 -4.28 -17.67 -40.01
C TYR A 1177 -5.48 -16.82 -40.37
N ILE A 1178 -6.65 -17.08 -39.76
CA ILE A 1178 -7.86 -16.39 -40.21
C ILE A 1178 -7.92 -14.99 -39.63
N PHE A 1179 -7.19 -14.73 -38.55
CA PHE A 1179 -7.16 -13.38 -38.01
C PHE A 1179 -6.06 -12.55 -38.65
N THR A 1180 -4.93 -13.19 -38.98
CA THR A 1180 -3.84 -12.44 -39.61
C THR A 1180 -4.22 -12.05 -41.03
N ALA A 1181 -5.07 -12.84 -41.68
CA ALA A 1181 -5.53 -12.47 -43.01
C ALA A 1181 -6.56 -11.36 -42.98
N VAL A 1182 -7.37 -11.30 -41.92
CA VAL A 1182 -8.50 -10.37 -41.92
C VAL A 1182 -8.10 -9.02 -41.33
N PHE A 1183 -6.98 -8.98 -40.60
CA PHE A 1183 -6.45 -7.68 -40.20
C PHE A 1183 -5.51 -7.12 -41.25
N LEU A 1184 -4.93 -7.99 -42.08
CA LEU A 1184 -4.18 -7.53 -43.24
C LEU A 1184 -5.15 -6.95 -44.28
N ALA A 1185 -6.28 -7.62 -44.48
CA ALA A 1185 -7.27 -7.12 -45.43
C ALA A 1185 -7.95 -5.87 -44.91
N GLU A 1186 -7.96 -5.67 -43.60
CA GLU A 1186 -8.52 -4.46 -43.03
C GLU A 1186 -7.58 -3.27 -43.23
N MET A 1187 -6.29 -3.51 -43.42
CA MET A 1187 -5.32 -2.44 -43.61
C MET A 1187 -5.17 -2.05 -45.07
N THR A 1188 -5.13 -3.03 -45.97
CA THR A 1188 -5.02 -2.76 -47.40
C THR A 1188 -6.30 -2.22 -48.00
N VAL A 1189 -7.38 -2.15 -47.23
CA VAL A 1189 -8.55 -1.39 -47.62
C VAL A 1189 -8.36 0.11 -47.36
N LYS A 1190 -7.82 0.46 -46.19
CA LYS A 1190 -7.61 1.87 -45.86
C LYS A 1190 -6.54 2.52 -46.74
N VAL A 1191 -5.53 1.76 -47.16
CA VAL A 1191 -4.45 2.32 -47.95
C VAL A 1191 -4.91 2.62 -49.37
N VAL A 1192 -5.79 1.78 -49.91
CA VAL A 1192 -6.41 2.04 -51.20
C VAL A 1192 -7.28 3.29 -51.14
N ALA A 1193 -8.10 3.41 -50.09
CA ALA A 1193 -9.00 4.55 -49.99
C ALA A 1193 -8.28 5.82 -49.56
N LEU A 1194 -7.70 5.84 -48.36
CA LEU A 1194 -7.13 7.05 -47.80
C LEU A 1194 -5.81 7.46 -48.43
N GLY A 1195 -4.93 6.51 -48.73
CA GLY A 1195 -3.67 6.83 -49.36
C GLY A 1195 -2.46 6.30 -48.61
N SER A 1206 -2.07 9.54 -39.41
CA SER A 1206 -2.44 9.42 -38.00
C SER A 1206 -1.52 8.44 -37.29
N SER A 1207 -1.44 8.53 -35.97
CA SER A 1207 -0.51 7.66 -35.24
C SER A 1207 -1.12 6.29 -35.02
N TRP A 1208 -2.45 6.21 -34.92
CA TRP A 1208 -3.07 4.93 -34.61
C TRP A 1208 -3.10 4.02 -35.82
N ASN A 1209 -3.05 4.58 -37.02
CA ASN A 1209 -2.94 3.74 -38.21
C ASN A 1209 -1.53 3.18 -38.35
N VAL A 1210 -0.55 3.90 -37.80
CA VAL A 1210 0.84 3.40 -37.80
C VAL A 1210 0.95 2.20 -36.86
N LEU A 1211 0.28 2.27 -35.70
CA LEU A 1211 0.34 1.20 -34.72
C LEU A 1211 -0.32 -0.07 -35.25
N ASP A 1212 -1.40 0.08 -36.00
CA ASP A 1212 -2.11 -1.09 -36.51
C ASP A 1212 -1.34 -1.78 -37.61
N GLY A 1213 -0.53 -1.01 -38.35
CA GLY A 1213 0.25 -1.58 -39.44
C GLY A 1213 1.43 -2.39 -38.95
N LEU A 1214 2.04 -1.96 -37.84
CA LEU A 1214 3.20 -2.68 -37.32
C LEU A 1214 2.79 -3.99 -36.67
N LEU A 1215 1.57 -4.07 -36.13
CA LEU A 1215 1.12 -5.30 -35.49
C LEU A 1215 0.86 -6.38 -36.53
N VAL A 1216 0.33 -5.99 -37.69
CA VAL A 1216 0.15 -6.95 -38.78
C VAL A 1216 1.49 -7.24 -39.44
N LEU A 1217 2.43 -6.29 -39.35
CA LEU A 1217 3.77 -6.53 -39.85
C LEU A 1217 4.50 -7.56 -38.98
N ILE A 1218 4.27 -7.53 -37.67
CA ILE A 1218 4.81 -8.56 -36.79
C ILE A 1218 4.13 -9.89 -37.04
N SER A 1219 2.81 -9.87 -37.29
CA SER A 1219 2.05 -11.11 -37.35
C SER A 1219 2.29 -11.89 -38.63
N VAL A 1220 2.60 -11.21 -39.73
CA VAL A 1220 2.85 -11.91 -40.99
C VAL A 1220 4.20 -12.60 -40.97
N ILE A 1221 5.21 -11.93 -40.40
CA ILE A 1221 6.57 -12.49 -40.33
C ILE A 1221 6.60 -13.73 -39.45
N ASP A 1222 5.80 -13.76 -38.38
CA ASP A 1222 5.71 -14.93 -37.50
C ASP A 1222 5.09 -16.13 -38.19
N ILE A 1223 4.27 -15.91 -39.24
CA ILE A 1223 3.77 -17.02 -40.03
C ILE A 1223 4.88 -17.62 -40.88
N LEU A 1224 5.73 -16.76 -41.47
CA LEU A 1224 6.78 -17.24 -42.36
C LEU A 1224 7.90 -17.95 -41.60
N VAL A 1225 8.28 -17.42 -40.43
CA VAL A 1225 9.31 -18.04 -39.61
C VAL A 1225 8.84 -19.39 -39.09
N SER A 1226 7.54 -19.52 -38.82
CA SER A 1226 6.99 -20.81 -38.42
C SER A 1226 6.96 -21.80 -39.57
N MET A 1227 6.92 -21.34 -40.82
CA MET A 1227 6.94 -22.24 -41.96
C MET A 1227 8.32 -22.77 -42.29
N VAL A 1228 9.38 -22.17 -41.75
CA VAL A 1228 10.74 -22.63 -42.04
C VAL A 1228 11.02 -23.96 -41.34
N SER A 1229 10.88 -23.98 -40.03
CA SER A 1229 11.16 -25.17 -39.23
C SER A 1229 10.09 -26.24 -39.40
N LYS A 1234 19.10 -21.78 -33.68
CA LYS A 1234 18.91 -20.52 -32.96
C LYS A 1234 17.70 -19.74 -33.47
N ILE A 1235 16.95 -20.33 -34.39
CA ILE A 1235 15.77 -19.66 -34.94
C ILE A 1235 14.71 -19.45 -33.86
N LEU A 1236 14.60 -20.41 -32.95
CA LEU A 1236 13.63 -20.34 -31.88
C LEU A 1236 13.92 -19.15 -30.97
N GLY A 1237 15.19 -18.89 -30.70
CA GLY A 1237 15.55 -17.76 -29.86
C GLY A 1237 15.11 -16.48 -30.52
N MET A 1238 15.34 -16.36 -31.83
CA MET A 1238 14.88 -15.18 -32.57
C MET A 1238 13.37 -15.12 -32.57
N LEU A 1239 12.76 -16.28 -32.76
CA LEU A 1239 11.31 -16.42 -32.78
C LEU A 1239 10.64 -16.09 -31.45
N ARG A 1240 11.32 -16.39 -30.36
CA ARG A 1240 10.74 -16.20 -29.05
C ARG A 1240 10.32 -14.76 -28.92
N VAL A 1241 11.11 -13.87 -29.50
CA VAL A 1241 10.83 -12.44 -29.39
C VAL A 1241 9.50 -12.10 -30.07
N LEU A 1242 9.22 -12.75 -31.19
CA LEU A 1242 8.00 -12.47 -31.94
C LEU A 1242 6.75 -12.77 -31.12
N ARG A 1243 6.78 -13.85 -30.36
CA ARG A 1243 5.63 -14.20 -29.53
C ARG A 1243 5.34 -13.13 -28.48
N LEU A 1244 6.37 -12.54 -27.90
CA LEU A 1244 6.19 -11.48 -26.92
C LEU A 1244 5.52 -10.27 -27.58
N LEU A 1245 5.92 -9.96 -28.81
CA LEU A 1245 5.35 -8.86 -29.59
C LEU A 1245 3.88 -9.09 -29.89
N ARG A 1246 3.51 -10.35 -30.06
CA ARG A 1246 2.13 -10.78 -30.35
C ARG A 1246 1.13 -10.48 -29.21
N THR A 1247 1.61 -10.37 -27.97
CA THR A 1247 0.80 -10.05 -26.79
C THR A 1247 0.22 -8.62 -26.80
N LEU A 1248 0.77 -7.80 -27.68
CA LEU A 1248 0.38 -6.40 -27.87
C LEU A 1248 -0.79 -6.22 -28.82
N ARG A 1249 -1.34 -7.33 -29.30
CA ARG A 1249 -2.48 -7.34 -30.22
C ARG A 1249 -3.74 -6.72 -29.62
N PRO A 1250 -3.92 -6.88 -28.32
CA PRO A 1250 -5.08 -6.35 -27.58
C PRO A 1250 -5.22 -4.84 -27.58
N LEU A 1251 -4.13 -4.08 -27.80
CA LEU A 1251 -4.21 -2.61 -27.78
C LEU A 1251 -4.71 -1.95 -29.08
N ARG A 1252 -5.06 -2.77 -30.07
CA ARG A 1252 -5.65 -2.31 -31.34
C ARG A 1252 -7.00 -1.62 -31.12
N VAL A 1253 -7.75 -2.09 -30.12
CA VAL A 1253 -9.07 -1.59 -29.74
C VAL A 1253 -9.09 -0.13 -29.26
N ILE A 1254 -7.97 0.41 -28.79
CA ILE A 1254 -7.95 1.78 -28.30
C ILE A 1254 -8.39 2.73 -29.41
N SER A 1255 -7.95 2.49 -30.63
CA SER A 1255 -8.38 3.33 -31.76
C SER A 1255 -9.85 3.12 -32.08
N ARG A 1256 -10.34 1.90 -31.95
CA ARG A 1256 -11.69 1.58 -32.40
C ARG A 1256 -12.74 2.12 -31.45
N ALA A 1257 -12.45 2.09 -30.14
CA ALA A 1257 -13.39 2.59 -29.15
C ALA A 1257 -13.19 4.09 -28.98
N GLN A 1258 -14.28 4.84 -29.11
CA GLN A 1258 -14.17 6.30 -29.05
C GLN A 1258 -13.97 6.79 -27.64
N GLY A 1259 -14.52 6.08 -26.66
CA GLY A 1259 -14.31 6.46 -25.28
C GLY A 1259 -12.92 6.16 -24.79
N LEU A 1260 -12.29 5.12 -25.34
CA LEU A 1260 -10.92 4.80 -24.92
C LEU A 1260 -9.90 5.65 -25.66
N LYS A 1261 -10.30 6.28 -26.77
CA LYS A 1261 -9.33 7.05 -27.52
C LYS A 1261 -9.20 8.46 -26.96
N LEU A 1262 -10.30 9.05 -26.52
CA LEU A 1262 -10.21 10.38 -25.94
C LEU A 1262 -9.44 10.36 -24.63
N VAL A 1263 -9.73 9.36 -23.81
CA VAL A 1263 -9.11 9.26 -22.49
C VAL A 1263 -7.61 9.04 -22.51
N VAL A 1264 -7.12 8.16 -23.37
CA VAL A 1264 -5.68 7.91 -23.42
C VAL A 1264 -4.95 9.18 -23.83
N GLU A 1265 -5.48 9.87 -24.82
CA GLU A 1265 -4.88 11.10 -25.28
C GLU A 1265 -4.89 12.13 -24.17
N THR A 1266 -5.99 12.23 -23.44
CA THR A 1266 -6.03 13.20 -22.35
C THR A 1266 -4.98 12.88 -21.29
N LEU A 1267 -4.84 11.60 -20.97
CA LEU A 1267 -3.87 11.21 -19.97
C LEU A 1267 -2.48 11.58 -20.43
N MET A 1268 -2.15 11.28 -21.68
CA MET A 1268 -0.83 11.61 -22.18
C MET A 1268 -0.63 13.13 -22.14
N SER A 1269 -1.68 13.87 -22.47
CA SER A 1269 -1.65 15.33 -22.45
C SER A 1269 -1.42 15.94 -21.08
N SER A 1270 -2.00 15.34 -20.05
CA SER A 1270 -1.92 15.84 -18.67
C SER A 1270 -0.51 15.88 -18.10
N LEU A 1271 0.32 14.93 -18.53
CA LEU A 1271 1.70 14.79 -18.05
C LEU A 1271 2.65 15.95 -18.33
N LYS A 1272 2.36 16.77 -19.33
CA LYS A 1272 3.25 17.87 -19.72
C LYS A 1272 3.56 18.92 -18.66
N PRO A 1273 2.58 19.31 -17.85
CA PRO A 1273 2.79 20.32 -16.82
C PRO A 1273 3.81 19.90 -15.75
N ILE A 1274 3.75 18.64 -15.35
CA ILE A 1274 4.65 18.08 -14.35
C ILE A 1274 5.83 17.38 -15.01
N GLY A 1275 6.17 17.77 -16.23
CA GLY A 1275 7.36 17.24 -16.87
C GLY A 1275 8.65 17.73 -16.26
N ASN A 1276 8.60 18.89 -15.60
CA ASN A 1276 9.81 19.41 -14.95
C ASN A 1276 10.01 18.77 -13.58
N ILE A 1277 8.92 18.41 -12.90
CA ILE A 1277 9.04 17.79 -11.59
C ILE A 1277 9.55 16.36 -11.72
N VAL A 1278 9.22 15.70 -12.84
CA VAL A 1278 9.73 14.36 -13.11
C VAL A 1278 11.24 14.41 -13.37
N VAL A 1279 11.71 15.45 -14.07
CA VAL A 1279 13.13 15.61 -14.38
C VAL A 1279 13.96 15.77 -13.10
N ILE A 1280 13.44 16.54 -12.14
CA ILE A 1280 14.13 16.67 -10.86
C ILE A 1280 14.05 15.36 -10.08
N CYS A 1281 12.93 14.65 -10.21
CA CYS A 1281 12.78 13.38 -9.52
C CYS A 1281 13.60 12.28 -10.18
N CYS A 1282 13.71 12.31 -11.52
CA CYS A 1282 14.56 11.35 -12.21
C CYS A 1282 16.03 11.61 -11.92
N ALA A 1283 16.39 12.88 -11.71
CA ALA A 1283 17.74 13.21 -11.31
C ALA A 1283 18.04 12.71 -9.91
N PHE A 1284 17.05 12.78 -9.03
CA PHE A 1284 17.26 12.48 -7.62
C PHE A 1284 17.44 10.99 -7.37
N PHE A 1285 16.84 10.14 -8.22
CA PHE A 1285 17.10 8.70 -8.12
C PHE A 1285 18.53 8.38 -8.49
N ILE A 1286 19.11 9.12 -9.43
CA ILE A 1286 20.49 8.91 -9.81
C ILE A 1286 21.42 9.36 -8.68
N ILE A 1287 21.08 10.47 -8.02
CA ILE A 1287 21.99 11.05 -7.04
C ILE A 1287 21.96 10.26 -5.74
N PHE A 1288 20.79 9.78 -5.33
CA PHE A 1288 20.78 8.81 -4.24
C PHE A 1288 21.19 7.42 -4.72
N GLY A 1289 21.16 7.19 -6.02
CA GLY A 1289 21.63 5.92 -6.55
C GLY A 1289 23.13 5.78 -6.49
N ILE A 1290 23.86 6.84 -6.85
CA ILE A 1290 25.32 6.80 -6.81
C ILE A 1290 25.81 6.94 -5.37
N LEU A 1291 25.06 7.66 -4.54
CA LEU A 1291 25.35 7.69 -3.10
C LEU A 1291 25.11 6.33 -2.47
N GLY A 1292 24.13 5.59 -2.97
CA GLY A 1292 23.85 4.28 -2.43
C GLY A 1292 24.91 3.26 -2.78
N VAL A 1293 25.42 3.32 -4.02
CA VAL A 1293 26.48 2.42 -4.43
C VAL A 1293 27.76 2.72 -3.66
N GLN A 1294 28.08 3.99 -3.44
CA GLN A 1294 29.34 4.32 -2.77
C GLN A 1294 29.34 4.03 -1.28
N LEU A 1295 28.19 3.76 -0.67
CA LEU A 1295 28.14 3.36 0.73
C LEU A 1295 27.98 1.86 0.92
N PHE A 1296 27.46 1.15 -0.07
CA PHE A 1296 26.91 -0.19 0.08
C PHE A 1296 27.43 -1.15 -0.99
N LYS A 1297 28.60 -0.86 -1.54
CA LYS A 1297 29.14 -1.60 -2.68
C LYS A 1297 29.75 -2.90 -2.18
N GLY A 1298 29.12 -4.02 -2.51
CA GLY A 1298 29.68 -5.29 -2.14
C GLY A 1298 29.58 -5.66 -0.68
N LYS A 1299 28.78 -4.92 0.08
CA LYS A 1299 28.52 -5.21 1.47
C LYS A 1299 27.41 -6.24 1.66
N PHE A 1300 26.49 -6.36 0.72
CA PHE A 1300 25.26 -7.12 0.95
C PHE A 1300 25.45 -8.60 0.61
N PHE A 1301 26.38 -9.23 1.30
CA PHE A 1301 26.64 -10.66 1.19
C PHE A 1301 26.42 -11.31 2.55
N VAL A 1302 25.82 -12.50 2.54
CA VAL A 1302 25.35 -13.14 3.76
C VAL A 1302 25.59 -14.64 3.62
N CYS A 1303 25.72 -15.31 4.75
CA CYS A 1303 26.09 -16.72 4.78
C CYS A 1303 24.91 -17.52 5.31
N GLN A 1304 24.14 -18.10 4.39
CA GLN A 1304 22.96 -18.88 4.75
C GLN A 1304 23.39 -20.27 5.21
N GLY A 1305 23.10 -20.61 6.45
CA GLY A 1305 23.48 -21.89 6.99
C GLY A 1305 22.67 -22.28 8.21
N GLU A 1306 23.21 -23.23 8.97
CA GLU A 1306 22.49 -23.81 10.09
C GLU A 1306 22.56 -22.96 11.35
N ASP A 1307 23.76 -22.77 11.90
CA ASP A 1307 23.92 -22.05 13.16
C ASP A 1307 24.32 -20.60 12.93
N THR A 1308 25.31 -20.39 12.05
CA THR A 1308 25.83 -19.11 11.54
C THR A 1308 25.99 -18.00 12.57
N ARG A 1309 26.36 -18.37 13.79
CA ARG A 1309 26.57 -17.39 14.85
C ARG A 1309 28.05 -17.11 15.10
N ASN A 1310 28.91 -18.11 14.96
CA ASN A 1310 30.35 -17.93 15.06
C ASN A 1310 31.00 -17.62 13.71
N ILE A 1311 30.24 -17.10 12.75
CA ILE A 1311 30.73 -16.81 11.41
C ILE A 1311 30.98 -15.31 11.30
N THR A 1312 32.20 -14.94 10.93
CA THR A 1312 32.57 -13.52 10.89
C THR A 1312 32.88 -13.00 9.49
N ASN A 1313 33.35 -13.83 8.57
CA ASN A 1313 33.74 -13.36 7.25
C ASN A 1313 33.52 -14.47 6.24
N LYS A 1314 34.08 -14.29 5.04
CA LYS A 1314 33.75 -15.13 3.90
C LYS A 1314 34.39 -16.50 3.99
N SER A 1315 35.69 -16.56 4.30
CA SER A 1315 36.39 -17.84 4.36
C SER A 1315 35.96 -18.68 5.56
N ASP A 1316 35.33 -18.06 6.56
CA ASP A 1316 34.76 -18.79 7.67
C ASP A 1316 33.60 -19.67 7.21
N CYS A 1317 32.89 -19.26 6.16
CA CYS A 1317 31.86 -20.11 5.56
C CYS A 1317 32.46 -21.23 4.73
N ALA A 1318 33.67 -21.04 4.22
CA ALA A 1318 34.29 -22.04 3.38
C ALA A 1318 34.72 -23.27 4.18
N GLU A 1319 34.96 -23.11 5.48
CA GLU A 1319 35.25 -24.27 6.30
C GLU A 1319 33.98 -24.95 6.79
N ALA A 1320 32.95 -24.18 7.12
CA ALA A 1320 31.68 -24.73 7.55
C ALA A 1320 30.83 -25.27 6.41
N SER A 1321 31.29 -25.11 5.16
CA SER A 1321 30.62 -25.58 3.95
C SER A 1321 29.23 -24.98 3.79
N TYR A 1322 29.08 -23.73 4.22
CA TYR A 1322 27.83 -23.01 4.03
C TYR A 1322 27.88 -22.27 2.70
N ARG A 1323 26.85 -21.50 2.42
CA ARG A 1323 26.70 -20.79 1.16
C ARG A 1323 26.80 -19.30 1.39
N TRP A 1324 27.71 -18.65 0.68
CA TRP A 1324 27.93 -17.21 0.78
C TRP A 1324 27.10 -16.54 -0.31
N VAL A 1325 25.88 -16.17 0.05
CA VAL A 1325 24.85 -15.79 -0.91
C VAL A 1325 24.76 -14.26 -0.94
N ARG A 1326 24.40 -13.71 -2.09
CA ARG A 1326 24.14 -12.28 -2.22
C ARG A 1326 22.65 -12.00 -2.04
N HIS A 1327 22.34 -10.82 -1.48
CA HIS A 1327 20.95 -10.40 -1.38
C HIS A 1327 20.42 -10.05 -2.78
N LYS A 1328 19.11 -10.27 -2.96
CA LYS A 1328 18.49 -10.01 -4.25
C LYS A 1328 18.40 -8.52 -4.57
N TYR A 1329 18.28 -7.66 -3.56
CA TYR A 1329 18.23 -6.22 -3.75
C TYR A 1329 19.44 -5.60 -3.10
N ASN A 1330 20.25 -4.90 -3.87
CA ASN A 1330 21.56 -4.49 -3.40
C ASN A 1330 22.06 -3.28 -4.19
N PHE A 1331 23.33 -2.96 -4.02
CA PHE A 1331 23.91 -1.73 -4.51
C PHE A 1331 25.29 -1.98 -5.09
N ASP A 1332 25.44 -3.08 -5.85
CA ASP A 1332 26.76 -3.37 -6.41
C ASP A 1332 27.11 -2.45 -7.56
N ASN A 1333 26.17 -2.15 -8.42
CA ASN A 1333 26.36 -1.20 -9.50
C ASN A 1333 25.17 -0.26 -9.52
N LEU A 1334 25.14 0.65 -10.48
CA LEU A 1334 24.00 1.56 -10.57
C LEU A 1334 22.78 0.84 -11.11
N GLY A 1335 22.99 -0.29 -11.78
CA GLY A 1335 21.87 -1.08 -12.25
C GLY A 1335 21.10 -1.72 -11.12
N GLN A 1336 21.81 -2.38 -10.21
CA GLN A 1336 21.16 -3.03 -9.09
C GLN A 1336 20.63 -2.01 -8.08
N ALA A 1337 21.21 -0.81 -8.08
CA ALA A 1337 20.83 0.21 -7.10
C ALA A 1337 19.50 0.85 -7.44
N LEU A 1338 19.24 1.06 -8.73
CA LEU A 1338 18.00 1.72 -9.13
C LEU A 1338 16.81 0.78 -9.00
N MET A 1339 17.05 -0.51 -8.87
CA MET A 1339 15.97 -1.42 -8.51
C MET A 1339 15.76 -1.45 -7.00
N SER A 1340 16.84 -1.34 -6.22
CA SER A 1340 16.68 -1.29 -4.78
C SER A 1340 16.02 0.00 -4.33
N LEU A 1341 16.20 1.08 -5.09
CA LEU A 1341 15.52 2.32 -4.77
C LEU A 1341 14.09 2.36 -5.26
N PHE A 1342 13.73 1.51 -6.23
CA PHE A 1342 12.33 1.46 -6.63
C PHE A 1342 11.51 0.65 -5.63
N VAL A 1343 12.10 -0.41 -5.08
CA VAL A 1343 11.44 -1.23 -4.08
C VAL A 1343 11.37 -0.49 -2.74
N LEU A 1344 12.21 0.52 -2.56
CA LEU A 1344 12.03 1.44 -1.44
C LEU A 1344 10.91 2.44 -1.72
N ALA A 1345 10.87 2.99 -2.93
CA ALA A 1345 9.92 4.07 -3.21
C ALA A 1345 8.50 3.56 -3.35
N SER A 1346 8.32 2.31 -3.76
CA SER A 1346 6.99 1.74 -3.77
C SER A 1346 6.58 1.23 -2.40
N LYS A 1347 7.50 1.26 -1.43
CA LYS A 1347 7.30 0.98 -0.02
C LYS A 1347 6.98 -0.47 0.28
N ASP A 1348 7.05 -1.37 -0.69
CA ASP A 1348 6.77 -2.77 -0.46
C ASP A 1348 8.08 -3.49 -0.22
N GLY A 1349 8.28 -3.95 1.01
CA GLY A 1349 9.51 -4.62 1.34
C GLY A 1349 10.67 -3.68 1.50
N TRP A 1350 10.41 -2.43 1.87
CA TRP A 1350 11.48 -1.47 2.07
C TRP A 1350 12.15 -1.66 3.42
N VAL A 1351 11.48 -2.32 4.37
CA VAL A 1351 12.01 -2.46 5.71
C VAL A 1351 13.17 -3.44 5.71
N ASP A 1352 13.06 -4.51 4.91
CA ASP A 1352 14.13 -5.50 4.81
C ASP A 1352 15.36 -4.94 4.13
N ILE A 1353 15.19 -3.98 3.20
CA ILE A 1353 16.33 -3.33 2.58
C ILE A 1353 17.02 -2.41 3.57
N MET A 1354 16.24 -1.69 4.39
CA MET A 1354 16.82 -0.85 5.43
C MET A 1354 17.54 -1.69 6.47
N TYR A 1355 17.04 -2.89 6.75
CA TYR A 1355 17.74 -3.80 7.64
C TYR A 1355 19.08 -4.24 7.06
N ASP A 1356 19.17 -4.36 5.74
CA ASP A 1356 20.42 -4.82 5.13
C ASP A 1356 21.48 -3.73 5.14
N GLY A 1357 21.08 -2.46 5.04
CA GLY A 1357 22.04 -1.39 5.11
C GLY A 1357 22.48 -1.06 6.52
N LEU A 1358 21.65 -1.36 7.51
CA LEU A 1358 22.05 -1.19 8.90
C LEU A 1358 23.04 -2.25 9.32
N ASP A 1359 22.97 -3.44 8.73
CA ASP A 1359 23.83 -4.54 9.11
C ASP A 1359 25.15 -4.57 8.36
N ALA A 1360 25.26 -3.79 7.29
CA ALA A 1360 26.40 -3.84 6.38
C ALA A 1360 27.68 -3.37 7.07
N VAL A 1361 28.65 -4.25 7.20
CA VAL A 1361 29.88 -3.98 7.94
C VAL A 1361 31.09 -3.82 7.01
N GLY A 1362 31.31 -4.76 6.11
CA GLY A 1362 32.49 -4.69 5.26
C GLY A 1362 32.29 -5.35 3.92
N VAL A 1363 33.36 -5.50 3.15
CA VAL A 1363 33.24 -6.09 1.82
C VAL A 1363 33.01 -7.59 1.92
N ASP A 1364 33.91 -8.31 2.58
CA ASP A 1364 33.77 -9.76 2.72
C ASP A 1364 33.41 -10.17 4.14
N GLN A 1365 32.60 -9.37 4.82
CA GLN A 1365 32.37 -9.51 6.25
C GLN A 1365 30.92 -9.91 6.51
N GLN A 1366 30.73 -10.73 7.53
CA GLN A 1366 29.39 -11.19 7.89
C GLN A 1366 28.61 -10.05 8.53
N PRO A 1367 27.38 -9.78 8.09
CA PRO A 1367 26.64 -8.63 8.62
C PRO A 1367 26.20 -8.83 10.06
N ILE A 1368 26.41 -7.81 10.87
CA ILE A 1368 26.05 -7.81 12.28
C ILE A 1368 24.82 -6.96 12.47
N MET A 1369 23.85 -7.49 13.22
CA MET A 1369 22.58 -6.83 13.49
C MET A 1369 22.77 -5.46 14.14
N ASN A 1370 22.22 -4.43 13.48
CA ASN A 1370 22.28 -3.02 13.89
C ASN A 1370 23.72 -2.53 14.05
N HIS A 1371 24.52 -2.76 13.02
CA HIS A 1371 25.94 -2.37 13.08
C HIS A 1371 26.10 -0.87 12.96
N ASN A 1372 25.51 -0.26 11.94
CA ASN A 1372 25.63 1.17 11.70
C ASN A 1372 24.22 1.77 11.79
N PRO A 1373 23.82 2.26 12.95
CA PRO A 1373 22.47 2.83 13.07
C PRO A 1373 22.31 4.20 12.45
N TRP A 1374 23.39 4.83 11.99
CA TRP A 1374 23.28 6.13 11.32
C TRP A 1374 22.76 6.04 9.91
N MET A 1375 22.65 4.83 9.35
CA MET A 1375 22.11 4.65 8.00
C MET A 1375 20.61 4.82 7.94
N LEU A 1376 19.95 5.10 9.05
CA LEU A 1376 18.55 5.52 9.04
C LEU A 1376 18.39 6.86 8.34
N LEU A 1377 19.45 7.66 8.29
CA LEU A 1377 19.39 8.94 7.60
C LEU A 1377 19.38 8.76 6.08
N TYR A 1378 19.86 7.62 5.59
CA TYR A 1378 19.82 7.41 4.14
C TYR A 1378 18.45 6.93 3.70
N PHE A 1379 17.85 6.03 4.47
CA PHE A 1379 16.66 5.32 4.02
C PHE A 1379 15.39 6.09 4.33
N ILE A 1380 15.43 6.96 5.33
CA ILE A 1380 14.22 7.67 5.72
C ILE A 1380 14.17 9.02 5.03
N SER A 1381 15.33 9.59 4.69
CA SER A 1381 15.33 10.78 3.87
C SER A 1381 14.90 10.46 2.43
N PHE A 1382 15.21 9.26 1.95
CA PHE A 1382 14.76 8.89 0.61
C PHE A 1382 13.25 8.66 0.57
N LEU A 1383 12.68 8.07 1.63
CA LEU A 1383 11.24 7.84 1.65
C LEU A 1383 10.47 9.13 1.83
N LEU A 1384 11.09 10.15 2.44
CA LEU A 1384 10.37 11.40 2.67
C LEU A 1384 10.45 12.32 1.46
N ILE A 1385 11.58 12.33 0.76
CA ILE A 1385 11.73 13.22 -0.39
C ILE A 1385 10.95 12.69 -1.59
N VAL A 1386 10.92 11.37 -1.76
CA VAL A 1386 10.13 10.74 -2.82
C VAL A 1386 8.64 10.96 -2.58
N ALA A 1387 8.22 10.92 -1.32
CA ALA A 1387 6.82 11.17 -1.01
C ALA A 1387 6.44 12.63 -1.18
N PHE A 1388 7.44 13.52 -1.25
CA PHE A 1388 7.18 14.94 -1.46
C PHE A 1388 7.06 15.27 -2.94
N PHE A 1389 7.85 14.62 -3.79
CA PHE A 1389 7.74 14.83 -5.23
C PHE A 1389 6.47 14.22 -5.79
N VAL A 1390 6.15 13.00 -5.38
CA VAL A 1390 4.93 12.33 -5.83
C VAL A 1390 3.69 13.09 -5.38
N LEU A 1391 3.76 13.69 -4.20
CA LEU A 1391 2.64 14.51 -3.77
C LEU A 1391 2.62 15.85 -4.49
N ASN A 1392 3.77 16.32 -4.97
CA ASN A 1392 3.78 17.52 -5.80
C ASN A 1392 3.52 17.24 -7.27
N MET A 1393 3.78 16.03 -7.75
CA MET A 1393 3.30 15.64 -9.06
C MET A 1393 1.78 15.50 -9.08
N PHE A 1394 1.19 15.11 -7.95
CA PHE A 1394 -0.24 14.92 -7.88
C PHE A 1394 -0.99 16.24 -7.90
N VAL A 1395 -0.50 17.24 -7.18
CA VAL A 1395 -1.24 18.50 -7.11
C VAL A 1395 -1.02 19.29 -8.40
N GLY A 1396 0.11 19.08 -9.07
CA GLY A 1396 0.34 19.72 -10.36
C GLY A 1396 -0.61 19.25 -11.44
N VAL A 1397 -1.03 17.98 -11.41
CA VAL A 1397 -2.01 17.49 -12.37
C VAL A 1397 -3.42 17.97 -12.00
N VAL A 1398 -3.70 18.12 -10.71
CA VAL A 1398 -5.02 18.55 -10.25
C VAL A 1398 -5.26 20.02 -10.59
N VAL A 1399 -4.27 20.88 -10.33
CA VAL A 1399 -4.47 22.32 -10.47
C VAL A 1399 -4.51 22.74 -11.95
N GLU A 1400 -3.80 22.03 -12.83
CA GLU A 1400 -3.97 22.32 -14.26
C GLU A 1400 -5.33 21.84 -14.77
N ASN A 1401 -5.84 20.73 -14.24
CA ASN A 1401 -7.16 20.25 -14.66
C ASN A 1401 -8.30 21.11 -14.12
N PHE A 1402 -8.04 21.94 -13.12
CA PHE A 1402 -9.09 22.81 -12.62
C PHE A 1402 -9.26 24.03 -13.51
N HIS A 1403 -8.19 24.53 -14.10
CA HIS A 1403 -8.28 25.63 -15.06
C HIS A 1403 -8.08 25.13 -16.49
N TYR A 1474 -44.37 9.65 13.15
CA TYR A 1474 -43.23 9.08 13.87
C TYR A 1474 -43.10 7.59 13.60
N LEU A 1475 -43.62 7.14 12.46
CA LEU A 1475 -43.50 5.74 12.08
C LEU A 1475 -42.08 5.40 11.69
N ASP A 1476 -41.51 6.17 10.77
CA ASP A 1476 -40.20 5.81 10.21
C ASP A 1476 -39.08 6.11 11.21
N LEU A 1477 -39.34 6.98 12.18
CA LEU A 1477 -38.39 7.14 13.28
C LEU A 1477 -38.40 5.93 14.19
N PHE A 1478 -39.51 5.19 14.23
CA PHE A 1478 -39.57 3.98 15.03
C PHE A 1478 -38.92 2.81 14.28
N ILE A 1479 -38.95 2.82 12.95
CA ILE A 1479 -38.31 1.77 12.17
C ILE A 1479 -36.79 1.95 12.19
N THR A 1480 -36.32 3.18 12.43
CA THR A 1480 -34.89 3.43 12.55
C THR A 1480 -34.33 2.77 13.81
N GLY A 1481 -35.11 2.75 14.89
CA GLY A 1481 -34.64 2.11 16.11
C GLY A 1481 -34.72 0.60 16.05
N VAL A 1482 -35.65 0.07 15.25
CA VAL A 1482 -35.78 -1.37 15.10
C VAL A 1482 -34.62 -1.93 14.29
N ILE A 1483 -34.23 -1.24 13.21
CA ILE A 1483 -33.07 -1.63 12.44
C ILE A 1483 -31.80 -1.47 13.26
N GLY A 1484 -31.73 -0.43 14.08
CA GLY A 1484 -30.61 -0.26 14.98
C GLY A 1484 -30.54 -1.27 16.10
N LEU A 1485 -31.59 -2.06 16.32
CA LEU A 1485 -31.53 -3.17 17.25
C LEU A 1485 -31.33 -4.50 16.54
N ASN A 1486 -31.73 -4.57 15.27
CA ASN A 1486 -31.41 -5.73 14.44
C ASN A 1486 -29.92 -5.78 14.11
N VAL A 1487 -29.27 -4.62 14.04
CA VAL A 1487 -27.82 -4.57 13.85
C VAL A 1487 -27.10 -5.17 15.04
N VAL A 1488 -27.60 -4.93 16.24
CA VAL A 1488 -27.03 -5.52 17.44
C VAL A 1488 -27.23 -7.02 17.47
N THR A 1489 -28.41 -7.48 17.10
CA THR A 1489 -28.76 -8.88 17.33
C THR A 1489 -28.19 -9.78 16.25
N MET A 1490 -27.67 -9.20 15.16
CA MET A 1490 -26.95 -10.00 14.19
C MET A 1490 -25.47 -10.07 14.53
N ALA A 1491 -24.94 -9.02 15.16
CA ALA A 1491 -23.54 -9.01 15.50
C ALA A 1491 -23.24 -9.84 16.74
N MET A 1492 -24.27 -10.29 17.46
CA MET A 1492 -24.05 -11.10 18.64
C MET A 1492 -23.78 -12.55 18.29
N GLU A 1493 -23.99 -12.93 17.03
CA GLU A 1493 -23.73 -14.31 16.62
C GLU A 1493 -22.24 -14.58 16.56
N HIS A 1494 -21.83 -15.72 17.12
CA HIS A 1494 -20.42 -16.01 17.21
C HIS A 1494 -20.23 -17.53 17.22
N TYR A 1495 -18.97 -17.92 17.08
CA TYR A 1495 -18.61 -19.34 17.04
C TYR A 1495 -18.73 -19.96 18.43
N GLN A 1496 -19.38 -21.12 18.49
CA GLN A 1496 -19.72 -21.82 19.73
C GLN A 1496 -20.52 -20.93 20.68
N GLN A 1497 -21.61 -20.37 20.18
CA GLN A 1497 -22.52 -19.65 21.04
C GLN A 1497 -23.42 -20.66 21.75
N PRO A 1498 -23.88 -20.35 22.97
CA PRO A 1498 -24.66 -21.33 23.73
C PRO A 1498 -26.06 -21.48 23.16
N GLN A 1499 -26.76 -22.50 23.67
CA GLN A 1499 -28.09 -22.79 23.16
C GLN A 1499 -29.11 -21.75 23.61
N ILE A 1500 -28.91 -21.17 24.79
CA ILE A 1500 -29.79 -20.12 25.28
C ILE A 1500 -29.62 -18.86 24.45
N LEU A 1501 -28.38 -18.55 24.06
CA LEU A 1501 -28.16 -17.39 23.19
C LEU A 1501 -28.61 -17.68 21.78
N ASP A 1502 -28.58 -18.95 21.36
CA ASP A 1502 -28.99 -19.30 20.01
C ASP A 1502 -30.51 -19.28 19.87
N GLU A 1503 -31.22 -19.79 20.88
CA GLU A 1503 -32.68 -19.81 20.83
C GLU A 1503 -33.25 -18.41 20.98
N ALA A 1504 -32.54 -17.52 21.69
CA ALA A 1504 -33.07 -16.19 21.93
C ALA A 1504 -33.05 -15.34 20.67
N LEU A 1505 -32.05 -15.53 19.82
CA LEU A 1505 -32.00 -14.75 18.58
C LEU A 1505 -32.99 -15.29 17.56
N LYS A 1506 -33.48 -16.51 17.76
CA LYS A 1506 -34.53 -17.04 16.91
C LYS A 1506 -35.87 -16.37 17.22
N ILE A 1507 -36.13 -16.10 18.51
CA ILE A 1507 -37.36 -15.42 18.91
C ILE A 1507 -37.32 -13.96 18.50
N CYS A 1508 -36.14 -13.34 18.54
CA CYS A 1508 -36.01 -11.96 18.09
C CYS A 1508 -36.23 -11.86 16.59
N ASN A 1509 -35.80 -12.87 15.83
CA ASN A 1509 -36.06 -12.90 14.39
C ASN A 1509 -37.54 -13.11 14.11
N TYR A 1510 -38.27 -13.71 15.06
CA TYR A 1510 -39.72 -13.81 14.92
C TYR A 1510 -40.38 -12.45 15.09
N ILE A 1511 -39.85 -11.58 15.94
CA ILE A 1511 -40.55 -10.33 16.19
C ILE A 1511 -40.06 -9.17 15.34
N PHE A 1512 -38.94 -9.31 14.63
CA PHE A 1512 -38.59 -8.25 13.67
C PHE A 1512 -39.32 -8.46 12.35
N THR A 1513 -39.46 -9.71 11.91
CA THR A 1513 -40.16 -9.99 10.66
C THR A 1513 -41.64 -9.64 10.76
N VAL A 1514 -42.25 -9.84 11.92
CA VAL A 1514 -43.67 -9.54 12.10
C VAL A 1514 -43.91 -8.03 12.06
N ILE A 1515 -43.07 -7.25 12.76
CA ILE A 1515 -43.32 -5.82 12.76
C ILE A 1515 -42.67 -5.12 11.56
N PHE A 1516 -42.08 -5.88 10.63
CA PHE A 1516 -41.83 -5.35 9.29
C PHE A 1516 -43.04 -5.59 8.40
N VAL A 1517 -43.70 -6.73 8.58
CA VAL A 1517 -44.99 -6.98 7.93
C VAL A 1517 -46.02 -5.98 8.40
N LEU A 1518 -46.01 -5.68 9.71
CA LEU A 1518 -47.02 -4.81 10.29
C LEU A 1518 -46.85 -3.37 9.83
N GLU A 1519 -45.61 -2.89 9.74
CA GLU A 1519 -45.39 -1.52 9.32
C GLU A 1519 -45.57 -1.36 7.82
N SER A 1520 -45.61 -2.45 7.07
CA SER A 1520 -45.89 -2.36 5.64
C SER A 1520 -47.39 -2.36 5.39
N VAL A 1521 -48.14 -3.15 6.15
CA VAL A 1521 -49.60 -3.16 6.01
C VAL A 1521 -50.20 -1.88 6.57
N PHE A 1522 -49.65 -1.35 7.67
CA PHE A 1522 -50.16 -0.13 8.26
C PHE A 1522 -49.88 1.08 7.38
N LYS A 1523 -48.73 1.09 6.70
CA LYS A 1523 -48.42 2.20 5.80
C LYS A 1523 -49.20 2.09 4.50
N LEU A 1524 -49.68 0.88 4.19
CA LEU A 1524 -50.54 0.70 3.03
C LEU A 1524 -51.93 1.26 3.26
N VAL A 1525 -52.32 1.40 4.54
CA VAL A 1525 -53.64 1.92 4.88
C VAL A 1525 -53.76 3.39 4.50
N ALA A 1526 -52.77 4.20 4.88
CA ALA A 1526 -52.83 5.63 4.59
C ALA A 1526 -52.59 5.92 3.11
N PHE A 1527 -51.91 5.01 2.40
CA PHE A 1527 -51.55 5.29 1.02
C PHE A 1527 -52.55 4.68 0.05
N GLY A 1528 -52.85 3.40 0.19
CA GLY A 1528 -53.89 2.81 -0.64
C GLY A 1528 -53.48 2.40 -2.04
N PHE A 1529 -52.54 1.46 -2.15
CA PHE A 1529 -52.28 0.64 -3.33
C PHE A 1529 -51.70 1.35 -4.54
N ARG A 1530 -51.58 2.68 -4.51
CA ARG A 1530 -50.95 3.37 -5.63
C ARG A 1530 -49.72 4.14 -5.18
N ARG A 1531 -49.85 4.88 -4.07
CA ARG A 1531 -48.71 5.62 -3.56
C ARG A 1531 -47.71 4.68 -2.89
N PHE A 1532 -48.13 3.47 -2.55
CA PHE A 1532 -47.21 2.47 -2.03
C PHE A 1532 -46.37 1.88 -3.14
N PHE A 1533 -46.82 1.99 -4.39
CA PHE A 1533 -46.04 1.48 -5.51
C PHE A 1533 -45.40 2.60 -6.32
N GLN A 1534 -45.91 3.83 -6.19
CA GLN A 1534 -45.31 4.96 -6.90
C GLN A 1534 -43.98 5.34 -6.28
N ASP A 1535 -43.82 5.08 -4.98
CA ASP A 1535 -42.55 5.33 -4.30
C ASP A 1535 -41.52 4.30 -4.74
N ARG A 1536 -40.24 4.65 -4.59
CA ARG A 1536 -39.17 3.71 -4.92
C ARG A 1536 -38.73 2.93 -3.69
N TRP A 1537 -38.74 3.56 -2.51
CA TRP A 1537 -38.23 2.89 -1.32
C TRP A 1537 -39.21 1.84 -0.80
N ASN A 1538 -40.51 2.02 -1.05
CA ASN A 1538 -41.48 1.02 -0.65
C ASN A 1538 -41.36 -0.23 -1.51
N GLN A 1539 -40.87 -0.07 -2.74
CA GLN A 1539 -40.52 -1.24 -3.55
C GLN A 1539 -39.26 -1.90 -3.02
N LEU A 1540 -38.42 -1.15 -2.30
CA LEU A 1540 -37.25 -1.75 -1.66
C LEU A 1540 -37.60 -2.29 -0.29
N ASP A 1541 -38.53 -1.64 0.41
CA ASP A 1541 -38.99 -2.12 1.72
C ASP A 1541 -39.73 -3.45 1.61
N LEU A 1542 -40.69 -3.53 0.69
CA LEU A 1542 -41.53 -4.72 0.60
C LEU A 1542 -40.77 -5.90 0.03
N ALA A 1543 -39.73 -5.63 -0.76
CA ALA A 1543 -38.90 -6.71 -1.28
C ALA A 1543 -38.03 -7.32 -0.20
N ILE A 1544 -37.67 -6.54 0.83
CA ILE A 1544 -36.93 -7.07 1.96
C ILE A 1544 -37.82 -7.95 2.82
N VAL A 1545 -39.04 -7.48 3.10
CA VAL A 1545 -40.00 -8.21 3.92
C VAL A 1545 -40.41 -9.50 3.23
N LEU A 1546 -40.47 -9.48 1.90
CA LEU A 1546 -40.73 -10.69 1.12
C LEU A 1546 -39.62 -11.73 1.33
N LEU A 1547 -38.36 -11.30 1.29
CA LEU A 1547 -37.27 -12.26 1.44
C LEU A 1547 -37.09 -12.66 2.89
N SER A 1548 -37.59 -11.85 3.82
CA SER A 1548 -37.50 -12.22 5.23
C SER A 1548 -38.50 -13.30 5.58
N ILE A 1549 -39.70 -13.22 4.99
CA ILE A 1549 -40.72 -14.23 5.28
C ILE A 1549 -40.48 -15.46 4.41
N MET A 1550 -39.71 -15.31 3.34
CA MET A 1550 -39.40 -16.44 2.46
C MET A 1550 -38.48 -17.44 3.15
N GLY A 1551 -37.53 -16.94 3.94
CA GLY A 1551 -36.58 -17.83 4.58
C GLY A 1551 -37.04 -18.32 5.94
N ILE A 1552 -37.88 -17.52 6.62
CA ILE A 1552 -38.26 -17.86 8.00
C ILE A 1552 -39.29 -18.98 8.01
N THR A 1553 -39.99 -19.16 6.88
CA THR A 1553 -40.94 -20.27 6.80
C THR A 1553 -40.27 -21.49 6.19
N LEU A 1554 -39.07 -21.31 5.64
CA LEU A 1554 -38.37 -22.40 5.00
C LEU A 1554 -37.35 -23.02 5.95
N GLU A 1555 -36.88 -22.23 6.93
CA GLU A 1555 -36.03 -22.81 7.97
C GLU A 1555 -36.85 -23.63 8.96
N GLU A 1556 -38.15 -23.34 9.04
CA GLU A 1556 -39.03 -24.11 9.90
C GLU A 1556 -39.22 -25.53 9.39
N ILE A 1557 -39.12 -25.71 8.06
CA ILE A 1557 -39.33 -27.02 7.45
C ILE A 1557 -38.20 -27.98 7.82
N GLU A 1558 -36.97 -27.47 7.95
CA GLU A 1558 -35.87 -28.33 8.34
C GLU A 1558 -35.97 -28.73 9.82
N VAL A 1559 -36.43 -27.80 10.66
CA VAL A 1559 -36.69 -28.14 12.06
C VAL A 1559 -37.91 -29.05 12.16
N ASN A 1560 -38.86 -28.88 11.25
CA ASN A 1560 -39.94 -29.85 11.10
C ASN A 1560 -39.40 -31.18 10.59
N ALA A 1561 -38.35 -31.12 9.76
CA ALA A 1561 -37.73 -32.28 9.10
C ALA A 1561 -38.74 -33.09 8.29
N SER A 1562 -39.69 -32.39 7.65
CA SER A 1562 -40.64 -33.06 6.79
C SER A 1562 -39.99 -33.49 5.48
N LEU A 1563 -39.14 -32.63 4.93
CA LEU A 1563 -38.28 -33.00 3.81
C LEU A 1563 -36.84 -32.63 4.21
N PRO A 1564 -35.89 -33.56 4.09
CA PRO A 1564 -34.50 -33.21 4.34
C PRO A 1564 -33.94 -32.29 3.26
N ILE A 1565 -34.22 -30.99 3.41
CA ILE A 1565 -33.94 -30.01 2.37
C ILE A 1565 -32.43 -29.77 2.28
N ASN A 1566 -32.02 -29.15 1.18
CA ASN A 1566 -30.66 -28.64 1.04
C ASN A 1566 -30.38 -27.64 2.17
N PRO A 1567 -29.35 -27.88 2.99
CA PRO A 1567 -28.99 -26.85 3.98
C PRO A 1567 -28.20 -25.70 3.36
N THR A 1568 -27.88 -25.80 2.08
CA THR A 1568 -27.30 -24.67 1.35
C THR A 1568 -28.28 -23.50 1.27
N ILE A 1569 -29.56 -23.79 1.03
CA ILE A 1569 -30.54 -22.72 0.91
C ILE A 1569 -30.91 -22.17 2.28
N ILE A 1570 -30.67 -22.93 3.36
CA ILE A 1570 -30.93 -22.33 4.66
C ILE A 1570 -29.89 -21.21 4.91
N ARG A 1571 -28.63 -21.55 4.62
CA ARG A 1571 -27.51 -20.61 4.81
C ARG A 1571 -27.56 -19.39 3.89
N ILE A 1572 -27.96 -19.57 2.63
CA ILE A 1572 -28.06 -18.46 1.69
C ILE A 1572 -29.13 -17.48 2.17
N MET A 1573 -30.23 -18.03 2.68
CA MET A 1573 -31.31 -17.23 3.23
C MET A 1573 -30.81 -16.45 4.42
N ARG A 1574 -30.00 -17.09 5.26
CA ARG A 1574 -29.43 -16.42 6.43
C ARG A 1574 -28.52 -15.24 6.05
N VAL A 1575 -27.71 -15.39 5.00
CA VAL A 1575 -26.79 -14.34 4.58
C VAL A 1575 -27.56 -13.19 3.96
N LEU A 1576 -28.62 -13.50 3.20
CA LEU A 1576 -29.46 -12.49 2.57
C LEU A 1576 -30.34 -11.76 3.58
N ARG A 1577 -30.37 -12.23 4.84
CA ARG A 1577 -31.00 -11.51 5.95
C ARG A 1577 -30.34 -10.15 6.22
N ILE A 1578 -29.09 -9.97 5.79
CA ILE A 1578 -28.34 -8.72 5.99
C ILE A 1578 -28.91 -7.54 5.21
N ALA A 1579 -29.87 -7.85 4.34
CA ALA A 1579 -30.55 -6.89 3.48
C ALA A 1579 -31.38 -5.88 4.26
N ARG A 1580 -31.75 -6.25 5.48
CA ARG A 1580 -32.59 -5.40 6.33
C ARG A 1580 -31.98 -4.04 6.63
N VAL A 1581 -30.66 -3.97 6.77
CA VAL A 1581 -29.95 -2.73 7.07
C VAL A 1581 -30.03 -1.62 6.00
N LEU A 1582 -30.33 -1.98 4.76
CA LEU A 1582 -30.44 -0.99 3.69
C LEU A 1582 -31.47 0.08 3.99
N LYS A 1583 -32.59 -0.29 4.60
CA LYS A 1583 -33.66 0.65 4.89
C LYS A 1583 -33.15 1.86 5.66
N LEU A 1584 -31.86 1.88 6.01
CA LEU A 1584 -31.28 3.08 6.60
C LEU A 1584 -30.83 4.06 5.54
N LEU A 1585 -30.79 3.61 4.30
CA LEU A 1585 -30.34 4.43 3.19
C LEU A 1585 -31.22 5.63 2.99
N LYS A 1586 -32.53 5.46 3.13
CA LYS A 1586 -33.45 6.57 2.96
C LYS A 1586 -33.19 7.66 3.99
N MET A 1587 -32.92 7.26 5.23
CA MET A 1587 -32.61 8.21 6.29
C MET A 1587 -31.32 8.98 6.05
N ALA A 1588 -30.29 8.30 5.56
CA ALA A 1588 -28.99 8.96 5.35
C ALA A 1588 -29.10 9.85 4.13
N VAL A 1589 -29.64 11.06 4.32
CA VAL A 1589 -29.82 11.98 3.21
C VAL A 1589 -28.54 12.69 2.83
N GLY A 1590 -27.56 12.76 3.74
CA GLY A 1590 -26.33 13.45 3.44
C GLY A 1590 -25.27 12.54 2.86
N MET A 1591 -25.36 11.24 3.15
CA MET A 1591 -24.46 10.29 2.53
C MET A 1591 -24.84 10.03 1.08
N ARG A 1592 -26.15 9.97 0.79
CA ARG A 1592 -26.59 9.75 -0.58
C ARG A 1592 -26.35 10.94 -1.50
N ALA A 1593 -26.22 12.14 -0.95
CA ALA A 1593 -25.79 13.26 -1.78
C ALA A 1593 -24.31 13.17 -2.11
N LEU A 1594 -23.53 12.51 -1.26
CA LEU A 1594 -22.11 12.31 -1.51
C LEU A 1594 -21.90 11.25 -2.58
N LEU A 1595 -22.71 10.20 -2.59
CA LEU A 1595 -22.58 9.18 -3.62
C LEU A 1595 -23.11 9.66 -4.96
N ASP A 1596 -23.98 10.67 -4.96
CA ASP A 1596 -24.58 11.14 -6.20
C ASP A 1596 -23.61 11.96 -7.03
N THR A 1597 -22.64 12.59 -6.35
CA THR A 1597 -21.57 13.34 -7.00
C THR A 1597 -20.65 12.36 -7.74
N VAL A 1598 -20.40 11.20 -7.13
CA VAL A 1598 -19.58 10.15 -7.75
C VAL A 1598 -20.21 9.64 -9.03
N MET A 1599 -21.54 9.51 -9.02
CA MET A 1599 -22.33 9.10 -10.17
C MET A 1599 -22.18 10.08 -11.33
N GLN A 1600 -22.09 11.37 -11.03
CA GLN A 1600 -21.91 12.39 -12.04
C GLN A 1600 -20.59 12.18 -12.78
N ALA A 1601 -19.55 11.82 -12.04
CA ALA A 1601 -18.23 11.57 -12.61
C ALA A 1601 -17.99 10.09 -12.91
N LEU A 1602 -19.03 9.28 -12.77
CA LEU A 1602 -18.95 7.83 -13.02
C LEU A 1602 -18.60 7.49 -14.45
N PRO A 1603 -19.09 8.27 -15.41
CA PRO A 1603 -18.80 8.00 -16.81
C PRO A 1603 -17.30 8.06 -17.09
N GLN A 1604 -16.61 9.02 -16.51
CA GLN A 1604 -15.16 9.14 -16.67
C GLN A 1604 -14.44 7.94 -16.06
N VAL A 1605 -14.92 7.49 -14.91
CA VAL A 1605 -14.38 6.35 -14.20
C VAL A 1605 -14.52 5.06 -15.00
N GLY A 1606 -15.64 4.89 -15.69
CA GLY A 1606 -15.82 3.70 -16.48
C GLY A 1606 -14.78 3.63 -17.58
N ASN A 1607 -14.52 4.76 -18.22
CA ASN A 1607 -13.51 4.80 -19.28
C ASN A 1607 -12.14 4.48 -18.71
N LEU A 1608 -11.83 5.01 -17.53
CA LEU A 1608 -10.54 4.70 -16.92
C LEU A 1608 -10.43 3.23 -16.55
N GLY A 1609 -11.50 2.66 -16.04
CA GLY A 1609 -11.56 1.27 -15.62
C GLY A 1609 -11.33 0.31 -16.76
N LEU A 1610 -11.88 0.65 -17.91
CA LEU A 1610 -11.75 -0.19 -19.09
C LEU A 1610 -10.31 -0.19 -19.59
N LEU A 1611 -9.62 0.93 -19.41
CA LEU A 1611 -8.18 0.98 -19.69
C LEU A 1611 -7.40 0.21 -18.64
N PHE A 1612 -7.99 0.03 -17.46
CA PHE A 1612 -7.35 -0.74 -16.41
C PHE A 1612 -7.36 -2.23 -16.73
N MET A 1613 -8.26 -2.66 -17.60
CA MET A 1613 -8.35 -4.08 -17.93
C MET A 1613 -7.57 -4.42 -19.20
N LEU A 1614 -7.29 -3.42 -20.03
CA LEU A 1614 -6.33 -3.64 -21.09
C LEU A 1614 -4.93 -3.80 -20.53
N LEU A 1615 -4.62 -3.13 -19.42
CA LEU A 1615 -3.33 -3.33 -18.79
C LEU A 1615 -3.20 -4.71 -18.19
N PHE A 1616 -4.28 -5.22 -17.59
CA PHE A 1616 -4.22 -6.58 -17.07
C PHE A 1616 -4.15 -7.60 -18.18
N PHE A 1617 -4.85 -7.37 -19.28
CA PHE A 1617 -4.83 -8.34 -20.36
C PHE A 1617 -3.48 -8.50 -21.05
N ILE A 1618 -2.86 -7.38 -21.40
CA ILE A 1618 -1.57 -7.43 -22.07
C ILE A 1618 -0.54 -8.00 -21.13
N PHE A 1619 -0.52 -7.51 -19.91
CA PHE A 1619 0.42 -7.98 -18.93
C PHE A 1619 0.23 -9.43 -18.55
N ALA A 1620 -1.01 -9.87 -18.42
CA ALA A 1620 -1.29 -11.27 -18.09
C ALA A 1620 -0.79 -12.16 -19.23
N ALA A 1621 -1.02 -11.73 -20.46
CA ALA A 1621 -0.56 -12.52 -21.60
C ALA A 1621 0.96 -12.60 -21.57
N LEU A 1622 1.62 -11.47 -21.28
CA LEU A 1622 3.07 -11.45 -21.22
C LEU A 1622 3.60 -12.35 -20.13
N GLY A 1623 2.91 -12.35 -19.00
CA GLY A 1623 3.30 -13.15 -17.86
C GLY A 1623 3.25 -14.61 -18.19
N VAL A 1624 2.22 -15.07 -18.90
CA VAL A 1624 2.17 -16.49 -19.22
C VAL A 1624 3.36 -16.89 -20.10
N GLU A 1625 3.66 -16.01 -21.04
CA GLU A 1625 4.73 -16.17 -22.02
C GLU A 1625 6.10 -16.13 -21.35
N LEU A 1626 6.26 -15.29 -20.33
CA LEU A 1626 7.56 -15.15 -19.67
C LEU A 1626 7.71 -16.07 -18.47
N PHE A 1627 6.70 -16.12 -17.60
CA PHE A 1627 6.88 -16.74 -16.29
C PHE A 1627 6.01 -17.97 -16.07
N GLY A 1628 5.79 -18.78 -17.10
CA GLY A 1628 4.78 -19.83 -16.98
C GLY A 1628 5.37 -21.19 -16.63
N ASP A 1629 6.63 -21.42 -16.98
CA ASP A 1629 7.20 -22.76 -16.85
C ASP A 1629 7.81 -22.98 -15.46
N LEU A 1630 7.98 -21.92 -14.68
CA LEU A 1630 8.63 -22.07 -13.39
C LEU A 1630 7.66 -22.64 -12.36
N GLU A 1631 8.22 -23.31 -11.35
CA GLU A 1631 7.42 -24.03 -10.37
C GLU A 1631 7.93 -23.75 -8.96
N CYS A 1632 7.02 -23.85 -8.01
CA CYS A 1632 7.32 -23.70 -6.59
C CYS A 1632 6.90 -24.99 -5.90
N ASP A 1633 7.88 -25.80 -5.53
CA ASP A 1633 7.65 -27.13 -4.98
C ASP A 1633 8.39 -27.26 -3.65
N GLU A 1634 8.52 -28.49 -3.16
CA GLU A 1634 9.31 -28.70 -1.95
C GLU A 1634 10.79 -28.63 -2.25
N THR A 1635 11.18 -28.88 -3.49
CA THR A 1635 12.58 -28.79 -3.87
C THR A 1635 13.01 -27.35 -4.05
N HIS A 1636 12.17 -26.55 -4.71
CA HIS A 1636 12.48 -25.16 -5.01
C HIS A 1636 11.59 -24.25 -4.16
N PRO A 1637 12.13 -23.52 -3.20
CA PRO A 1637 11.28 -22.63 -2.40
C PRO A 1637 10.97 -21.34 -3.15
N CYS A 1638 9.91 -20.66 -2.70
CA CYS A 1638 9.50 -19.39 -3.28
C CYS A 1638 9.08 -18.44 -2.19
N GLU A 1639 9.57 -17.20 -2.28
CA GLU A 1639 9.22 -16.18 -1.31
C GLU A 1639 7.85 -15.58 -1.58
N GLY A 1640 7.43 -15.50 -2.84
CA GLY A 1640 6.21 -14.79 -3.18
C GLY A 1640 5.15 -15.57 -3.94
N LEU A 1641 5.54 -16.63 -4.64
CA LEU A 1641 4.58 -17.44 -5.38
C LEU A 1641 4.33 -18.73 -4.61
N GLY A 1642 3.25 -19.42 -4.98
CA GLY A 1642 2.92 -20.67 -4.33
C GLY A 1642 1.76 -21.41 -4.96
N ARG A 1643 0.89 -21.99 -4.12
CA ARG A 1643 -0.27 -22.72 -4.61
C ARG A 1643 -1.39 -21.80 -5.08
N HIS A 1644 -1.32 -20.52 -4.76
CA HIS A 1644 -2.42 -19.62 -4.99
C HIS A 1644 -2.06 -18.48 -5.92
N ALA A 1645 -0.79 -18.30 -6.25
CA ALA A 1645 -0.35 -17.24 -7.15
C ALA A 1645 0.70 -17.85 -8.07
N THR A 1646 0.30 -18.19 -9.29
CA THR A 1646 1.21 -18.62 -10.33
C THR A 1646 0.96 -17.78 -11.56
N PHE A 1647 1.74 -18.05 -12.60
CA PHE A 1647 1.47 -17.60 -13.95
C PHE A 1647 1.24 -18.80 -14.84
N ARG A 1648 0.56 -19.81 -14.29
CA ARG A 1648 0.48 -21.12 -14.94
C ARG A 1648 -0.45 -21.07 -16.14
N ASN A 1649 -1.49 -20.24 -16.08
CA ASN A 1649 -2.33 -19.98 -17.22
C ASN A 1649 -2.87 -18.56 -17.11
N PHE A 1650 -3.85 -18.22 -17.94
CA PHE A 1650 -4.31 -16.84 -18.02
C PHE A 1650 -5.15 -16.44 -16.81
N GLY A 1651 -5.90 -17.37 -16.24
CA GLY A 1651 -6.75 -17.01 -15.13
C GLY A 1651 -5.96 -16.75 -13.86
N MET A 1652 -4.95 -17.56 -13.59
CA MET A 1652 -4.14 -17.37 -12.40
C MET A 1652 -3.20 -16.18 -12.54
N ALA A 1653 -2.81 -15.84 -13.77
CA ALA A 1653 -2.03 -14.64 -13.99
C ALA A 1653 -2.86 -13.38 -13.86
N PHE A 1654 -4.17 -13.50 -13.93
CA PHE A 1654 -5.04 -12.34 -13.79
C PHE A 1654 -5.26 -12.01 -12.32
N LEU A 1655 -5.15 -13.01 -11.44
CA LEU A 1655 -5.26 -12.76 -10.01
C LEU A 1655 -3.93 -12.33 -9.41
N THR A 1656 -2.82 -12.84 -9.93
CA THR A 1656 -1.51 -12.42 -9.47
C THR A 1656 -1.25 -10.96 -9.80
N LEU A 1657 -1.68 -10.52 -10.98
CA LEU A 1657 -1.54 -9.12 -11.35
C LEU A 1657 -2.58 -8.25 -10.68
N PHE A 1658 -3.59 -8.85 -10.05
CA PHE A 1658 -4.42 -8.08 -9.14
C PHE A 1658 -3.69 -7.87 -7.82
N ARG A 1659 -2.97 -8.90 -7.36
CA ARG A 1659 -2.22 -8.81 -6.12
C ARG A 1659 -0.99 -7.91 -6.27
N VAL A 1660 -0.46 -7.79 -7.49
CA VAL A 1660 0.66 -6.88 -7.73
C VAL A 1660 0.16 -5.44 -7.79
N SER A 1661 -1.01 -5.23 -8.38
CA SER A 1661 -1.55 -3.88 -8.58
C SER A 1661 -1.93 -3.21 -7.27
N THR A 1662 -2.15 -3.96 -6.20
CA THR A 1662 -2.32 -3.38 -4.89
C THR A 1662 -0.99 -3.19 -4.17
N GLY A 1663 0.07 -3.82 -4.66
CA GLY A 1663 1.37 -3.67 -4.06
C GLY A 1663 1.58 -4.49 -2.82
N ASP A 1664 0.91 -5.62 -2.71
CA ASP A 1664 1.06 -6.50 -1.56
C ASP A 1664 1.95 -7.67 -1.97
N ASN A 1665 3.21 -7.62 -1.53
CA ASN A 1665 4.25 -8.63 -1.80
C ASN A 1665 4.48 -8.78 -3.30
N TRP A 1666 4.56 -7.66 -4.02
CA TRP A 1666 4.86 -7.76 -5.44
C TRP A 1666 6.33 -8.07 -5.66
N ASN A 1667 7.18 -7.80 -4.66
CA ASN A 1667 8.62 -7.97 -4.85
C ASN A 1667 9.07 -9.37 -4.49
N GLY A 1668 8.30 -10.08 -3.68
CA GLY A 1668 8.59 -11.49 -3.47
C GLY A 1668 8.27 -12.32 -4.70
N ILE A 1669 7.29 -11.86 -5.49
CA ILE A 1669 7.05 -12.45 -6.80
C ILE A 1669 8.22 -12.16 -7.73
N MET A 1670 8.76 -10.95 -7.68
CA MET A 1670 9.91 -10.60 -8.51
C MET A 1670 11.16 -11.37 -8.11
N LYS A 1671 11.32 -11.67 -6.81
CA LYS A 1671 12.46 -12.46 -6.36
C LYS A 1671 12.38 -13.90 -6.82
N ASP A 1672 11.17 -14.37 -7.15
CA ASP A 1672 11.01 -15.74 -7.59
C ASP A 1672 11.27 -15.87 -9.09
N THR A 1673 11.15 -14.78 -9.83
CA THR A 1673 11.38 -14.85 -11.27
C THR A 1673 12.86 -14.90 -11.58
N LEU A 1674 13.67 -14.11 -10.90
CA LEU A 1674 15.11 -14.15 -11.06
C LEU A 1674 15.78 -15.05 -10.03
N ARG A 1675 15.12 -16.15 -9.65
CA ARG A 1675 15.70 -17.13 -8.74
C ARG A 1675 16.79 -17.95 -9.43
N ASP A 1676 16.54 -18.40 -10.65
CA ASP A 1676 17.48 -19.22 -11.41
C ASP A 1676 18.71 -18.40 -11.83
N TYR A 1684 17.70 -15.08 -18.55
CA TYR A 1684 17.47 -13.78 -19.18
C TYR A 1684 16.57 -12.92 -18.31
N ASN A 1685 16.14 -13.47 -17.17
CA ASN A 1685 15.25 -12.72 -16.28
C ASN A 1685 15.98 -11.68 -15.45
N THR A 1686 17.28 -11.52 -15.65
CA THR A 1686 17.99 -10.46 -14.94
C THR A 1686 17.65 -9.10 -15.53
N VAL A 1687 17.40 -9.05 -16.84
CA VAL A 1687 17.02 -7.80 -17.49
C VAL A 1687 15.50 -7.71 -17.64
N ILE A 1688 14.83 -8.83 -17.88
CA ILE A 1688 13.42 -8.81 -18.24
C ILE A 1688 12.54 -8.54 -17.03
N SER A 1689 12.75 -9.29 -15.95
CA SER A 1689 11.93 -9.13 -14.74
C SER A 1689 11.94 -7.75 -14.10
N PRO A 1690 13.02 -6.95 -14.12
CA PRO A 1690 12.87 -5.54 -13.74
C PRO A 1690 12.03 -4.72 -14.69
N ILE A 1691 12.14 -4.92 -15.99
CA ILE A 1691 11.36 -4.15 -16.96
C ILE A 1691 9.88 -4.48 -16.86
N TYR A 1692 9.55 -5.74 -16.55
CA TYR A 1692 8.15 -6.17 -16.50
C TYR A 1692 7.43 -5.54 -15.31
N PHE A 1693 8.04 -5.57 -14.13
CA PHE A 1693 7.33 -5.13 -12.94
C PHE A 1693 7.34 -3.62 -12.78
N VAL A 1694 8.39 -2.95 -13.25
CA VAL A 1694 8.41 -1.49 -13.14
C VAL A 1694 7.45 -0.87 -14.15
N SER A 1695 7.30 -1.49 -15.32
CA SER A 1695 6.33 -0.99 -16.28
C SER A 1695 4.90 -1.25 -15.84
N PHE A 1696 4.69 -2.29 -15.04
CA PHE A 1696 3.33 -2.58 -14.58
C PHE A 1696 2.94 -1.74 -13.38
N VAL A 1697 3.87 -1.53 -12.44
CA VAL A 1697 3.53 -0.78 -11.24
C VAL A 1697 3.42 0.72 -11.54
N LEU A 1698 4.28 1.24 -12.42
CA LEU A 1698 4.17 2.65 -12.75
C LEU A 1698 2.96 2.94 -13.62
N THR A 1699 2.45 1.93 -14.32
CA THR A 1699 1.29 2.20 -15.17
C THR A 1699 -0.01 1.98 -14.41
N ALA A 1700 -0.07 0.94 -13.56
CA ALA A 1700 -1.29 0.67 -12.81
C ALA A 1700 -1.56 1.72 -11.76
N GLN A 1701 -0.52 2.31 -11.19
CA GLN A 1701 -0.71 3.37 -10.21
C GLN A 1701 -1.11 4.66 -10.89
N PHE A 1702 -0.62 4.90 -12.10
CA PHE A 1702 -0.97 6.11 -12.81
C PHE A 1702 -2.41 6.08 -13.30
N VAL A 1703 -2.93 4.89 -13.60
CA VAL A 1703 -4.34 4.77 -13.96
C VAL A 1703 -5.22 4.95 -12.73
N LEU A 1704 -4.80 4.40 -11.59
CA LEU A 1704 -5.62 4.50 -10.38
C LEU A 1704 -5.59 5.90 -9.78
N VAL A 1705 -4.50 6.65 -9.97
CA VAL A 1705 -4.47 8.04 -9.49
C VAL A 1705 -5.43 8.90 -10.31
N ASN A 1706 -5.55 8.60 -11.60
CA ASN A 1706 -6.44 9.38 -12.46
C ASN A 1706 -7.91 9.08 -12.16
N VAL A 1707 -8.20 7.94 -11.55
CA VAL A 1707 -9.54 7.70 -11.06
C VAL A 1707 -9.83 8.63 -9.89
N VAL A 1708 -8.81 8.88 -9.06
CA VAL A 1708 -8.98 9.76 -7.91
C VAL A 1708 -9.02 11.21 -8.36
N ILE A 1709 -8.24 11.56 -9.38
CA ILE A 1709 -8.26 12.92 -9.93
C ILE A 1709 -9.61 13.20 -10.61
N ALA A 1710 -10.20 12.19 -11.24
CA ALA A 1710 -11.47 12.38 -11.91
C ALA A 1710 -12.64 12.51 -10.93
N VAL A 1711 -12.55 11.85 -9.77
CA VAL A 1711 -13.59 12.01 -8.77
C VAL A 1711 -13.49 13.38 -8.11
N LEU A 1712 -12.27 13.84 -7.87
CA LEU A 1712 -12.05 15.09 -7.13
C LEU A 1712 -12.50 16.30 -7.94
N MET A 1713 -12.31 16.27 -9.25
CA MET A 1713 -12.70 17.39 -10.09
C MET A 1713 -14.22 17.52 -10.22
N LYS A 1714 -14.94 16.41 -10.07
CA LYS A 1714 -16.40 16.50 -10.12
C LYS A 1714 -16.94 17.06 -8.82
N HIS A 1715 -16.16 16.91 -7.74
CA HIS A 1715 -16.61 17.37 -6.42
C HIS A 1715 -16.12 18.77 -6.13
N LEU A 1716 -14.91 19.10 -6.59
CA LEU A 1716 -14.32 20.39 -6.30
C LEU A 1716 -15.00 21.48 -7.12
N GLU A 1717 -15.45 21.13 -8.33
CA GLU A 1717 -16.13 22.11 -9.18
C GLU A 1717 -17.59 22.27 -8.80
N GLU A 1718 -18.19 21.24 -8.18
CA GLU A 1718 -19.57 21.38 -7.71
C GLU A 1718 -19.61 22.27 -6.47
N SER A 1719 -18.53 22.29 -5.70
CA SER A 1719 -18.43 23.20 -4.57
C SER A 1719 -18.23 24.64 -5.04
N ASN A 1720 -17.74 24.83 -6.27
CA ASN A 1720 -17.69 26.16 -6.83
C ASN A 1720 -19.07 26.60 -7.32
N LYS A 1721 -19.72 25.74 -8.10
CA LYS A 1721 -20.97 26.11 -8.75
C LYS A 1721 -22.11 25.23 -8.27
#